data_5IEF
#
_entry.id   5IEF
#
_cell.length_a   103.840
_cell.length_b   172.890
_cell.length_c   62.770
_cell.angle_alpha   90.00
_cell.angle_beta   90.00
_cell.angle_gamma   90.00
#
_symmetry.space_group_name_H-M   'P 21 21 2'
#
loop_
_entity.id
_entity.type
_entity.pdbx_description
1 polymer 'Neutral alpha-glucosidase AB'
2 polymer 'Glucosidase 2 subunit beta'
3 branched 2-acetamido-2-deoxy-beta-D-glucopyranose-(1-4)-2-acetamido-2-deoxy-beta-D-glucopyranose
4 non-polymer 'FORMIC ACID'
5 non-polymer 'ACETATE ION'
6 non-polymer (2R,3R,4R,5S)-1-BUTYL-2-(HYDROXYMETHYL)PIPERIDINE-3,4,5-TRIOL
7 non-polymer 'HEXAETHYLENE GLYCOL'
8 non-polymer 'CALCIUM ION'
9 water water
#
loop_
_entity_poly.entity_id
_entity_poly.type
_entity_poly.pdbx_seq_one_letter_code
_entity_poly.pdbx_strand_id
1 'polypeptide(L)'
;VDRSNFKTCDESSFCKRQRSIRPGLSPYRALLDTLQLGPDALTVHLIHEVTKVLLVLELQGLQKNMTRIRIDELEPRRPR
YRVPDVLVADPPTARLSVSGRDDNSVELTVAEGPYKIILTAQPFRLDLLEDRSLLLSVNARGLMAFEHQRAPRVPQESKD
PAEGNGAQPEATPGDGDKPEETQEKAEKDEPGAWEETFKTHSDSKPYGPTSVGLDFSLPGMEHVYGIPEHADSLRLKVTE
GGEPYRLYNLDVFQYELNNPMALYGSVPVLLAHSFHRDLGIFWLNAAETWVDISSNTAGKTLFGKMLDYLQGSGETPQTD
IRWMSESGIIDVFLMLGPSVFDVFRQYASLTGTQALPPLFSLGYHQSRWNYRDEADVLEVDQGFDDHNMPCDVIWLDIEH
ADGKRYFTWDPTRFPQPLNMLEHLASKRRKLVAIVDPHIKVDSGYRVHEELRNHGLYVKTRDGSDYEGWCWPGSASYPDF
TNPRMRAWWSNMFSFDNYEGSAPNLYVWNDMNEPSVFNGPEVTMLKDAVHYGGWEHRDIHNIYGLYVHMATADGLIQRSG
GIERPFVLSRAFFSGSQRFGAVWTGDNTAEWDHLKISIPMCLSLALVGLSFCGADVGGFFKNPEPELLVRWYQMGAYQPF
FRAHAHLDTGRREPWLLASQYQDAIRDALFQRYSLLPFWYTLFYQAHKEGFPVMRPLWVQYPEDMSTFSIEDQFMLGDAL
LIHPVSDAGAHGVQVYLPGQEEVWYDIQSYQKHHGPQTLYLPVTLSSIPVFQRGGTIVPRWMRVRRSSDCMKDDPITLFV
ALSPQGTAQGELFLDDGHTFNYQTRHEFLLRRFSFSGSTLVSSSADPKGHLETPIWIERVVIMGAGKPAAVVLQTKGSPE
SRLSFQHDPETSVLILRKPGVSVASDWSIHLRA
;
A
2 'polypeptide(L)'
;FYEESKPFTCLDGTATIPFDQVNDDYCDCKDGSDEPGTAACPNGSFHCTNTGYKPLYILSSRVNDGVCDCCDGTDEYNSG
TVCENTCR
;
B
#
# COMPACT_ATOMS: atom_id res chain seq x y z
N VAL A 1 18.95 3.40 17.64
CA VAL A 1 18.15 2.76 18.67
C VAL A 1 18.86 2.54 19.97
N ASP A 2 18.04 2.57 21.04
CA ASP A 2 18.39 2.11 22.36
C ASP A 2 17.67 0.77 22.52
N ARG A 3 18.37 -0.33 22.22
CA ARG A 3 17.82 -1.67 22.29
C ARG A 3 17.36 -2.06 23.66
N SER A 4 17.92 -1.43 24.71
CA SER A 4 17.58 -1.75 26.10
C SER A 4 16.18 -1.30 26.46
N ASN A 5 15.53 -0.48 25.61
CA ASN A 5 14.14 -0.07 25.82
C ASN A 5 13.14 -1.11 25.33
N PHE A 6 13.61 -2.12 24.61
CA PHE A 6 12.78 -3.11 23.95
C PHE A 6 13.17 -4.50 24.34
N LYS A 7 12.19 -5.33 24.68
CA LYS A 7 12.43 -6.70 25.12
C LYS A 7 13.01 -7.60 24.05
N THR A 8 14.03 -8.38 24.44
CA THR A 8 14.56 -9.48 23.63
C THR A 8 13.65 -10.62 24.06
N CYS A 9 13.69 -11.76 23.36
CA CYS A 9 12.88 -12.93 23.69
C CYS A 9 13.09 -13.36 25.15
N ASP A 10 14.34 -13.29 25.61
CA ASP A 10 14.71 -13.65 26.97
C ASP A 10 14.05 -12.76 28.00
N GLU A 11 13.72 -11.51 27.64
CA GLU A 11 13.09 -10.53 28.52
C GLU A 11 11.57 -10.55 28.50
N SER A 12 11.02 -11.37 27.59
CA SER A 12 9.59 -11.56 27.46
C SER A 12 9.37 -12.98 28.03
N SER A 13 8.89 -13.07 29.29
CA SER A 13 8.81 -14.38 29.96
C SER A 13 8.09 -15.46 29.13
N PHE A 14 6.97 -15.13 28.43
CA PHE A 14 6.29 -16.13 27.60
C PHE A 14 7.13 -16.56 26.40
N CYS A 15 7.93 -15.64 25.79
CA CYS A 15 8.80 -16.05 24.70
C CYS A 15 9.88 -17.02 25.23
N LYS A 16 10.45 -16.72 26.40
CA LYS A 16 11.48 -17.54 27.02
C LYS A 16 10.94 -18.93 27.31
N ARG A 17 9.71 -19.03 27.87
CA ARG A 17 9.04 -20.31 28.16
C ARG A 17 8.82 -21.12 26.92
N GLN A 18 8.22 -20.47 25.91
CA GLN A 18 7.94 -21.14 24.64
C GLN A 18 9.21 -21.54 23.94
N ARG A 19 10.16 -20.62 23.81
CA ARG A 19 11.38 -20.90 23.07
C ARG A 19 12.27 -21.96 23.73
N SER A 20 12.13 -22.16 25.05
CA SER A 20 12.88 -23.18 25.79
C SER A 20 12.41 -24.60 25.45
N ILE A 21 11.22 -24.74 24.87
CA ILE A 21 10.70 -26.04 24.43
C ILE A 21 11.44 -26.31 23.13
N ARG A 22 12.17 -27.41 23.13
CA ARG A 22 13.00 -27.76 22.02
C ARG A 22 12.40 -28.96 21.26
N PRO A 23 12.80 -29.15 19.97
CA PRO A 23 12.23 -30.25 19.17
C PRO A 23 12.31 -31.61 19.84
N GLY A 24 11.22 -32.31 19.84
CA GLY A 24 11.10 -33.59 20.50
C GLY A 24 9.75 -34.19 20.26
N LEU A 25 9.43 -35.21 21.01
CA LEU A 25 8.16 -35.90 20.95
C LEU A 25 7.13 -35.03 21.69
N SER A 26 6.04 -34.61 20.99
CA SER A 26 5.05 -33.74 21.60
C SER A 26 4.31 -34.46 22.70
N PRO A 27 4.07 -33.79 23.86
CA PRO A 27 3.25 -34.41 24.88
C PRO A 27 1.75 -34.47 24.51
N TYR A 28 1.35 -33.77 23.42
CA TYR A 28 -0.03 -33.69 22.99
C TYR A 28 -0.38 -34.86 22.16
N ARG A 29 -1.55 -35.40 22.43
CA ARG A 29 -2.11 -36.46 21.62
C ARG A 29 -3.59 -36.22 21.46
N ALA A 30 -4.14 -36.70 20.36
CA ALA A 30 -5.56 -36.57 20.08
C ALA A 30 -6.22 -37.83 20.61
N LEU A 31 -7.42 -37.67 21.12
CA LEU A 31 -8.22 -38.77 21.65
C LEU A 31 -9.24 -39.06 20.58
N LEU A 32 -8.92 -40.00 19.68
CA LEU A 32 -9.80 -40.32 18.54
C LEU A 32 -11.21 -40.77 18.90
N ASP A 33 -11.43 -41.26 20.13
CA ASP A 33 -12.78 -41.60 20.57
C ASP A 33 -13.68 -40.38 20.71
N THR A 34 -13.12 -39.18 20.84
CA THR A 34 -13.90 -37.95 20.98
C THR A 34 -14.13 -37.26 19.67
N LEU A 35 -13.61 -37.84 18.58
CA LEU A 35 -13.71 -37.25 17.25
C LEU A 35 -15.17 -37.16 16.80
N GLN A 36 -15.52 -35.98 16.27
CA GLN A 36 -16.84 -35.67 15.75
C GLN A 36 -16.66 -35.02 14.41
N LEU A 37 -17.41 -35.51 13.44
CA LEU A 37 -17.31 -34.96 12.11
C LEU A 37 -18.66 -34.45 11.67
N GLY A 38 -18.66 -33.21 11.23
CA GLY A 38 -19.81 -32.52 10.68
C GLY A 38 -19.56 -32.04 9.27
N PRO A 39 -20.57 -31.39 8.65
CA PRO A 39 -20.39 -30.88 7.27
C PRO A 39 -19.39 -29.73 7.17
N ASP A 40 -19.27 -28.94 8.25
CA ASP A 40 -18.44 -27.75 8.29
C ASP A 40 -17.10 -27.90 9.00
N ALA A 41 -17.01 -28.85 9.94
CA ALA A 41 -15.81 -29.05 10.75
C ALA A 41 -15.66 -30.46 11.27
N LEU A 42 -14.44 -30.77 11.66
CA LEU A 42 -14.05 -31.93 12.44
C LEU A 42 -13.62 -31.34 13.78
N THR A 43 -14.08 -31.94 14.87
CA THR A 43 -13.56 -31.58 16.20
C THR A 43 -13.04 -32.83 16.88
N VAL A 44 -12.04 -32.64 17.74
CA VAL A 44 -11.48 -33.73 18.52
C VAL A 44 -10.78 -33.17 19.72
N HIS A 45 -10.75 -33.90 20.82
CA HIS A 45 -10.09 -33.45 22.02
C HIS A 45 -8.63 -33.82 21.93
N LEU A 46 -7.78 -32.95 22.46
CA LEU A 46 -6.34 -33.20 22.57
C LEU A 46 -6.07 -33.15 24.03
N ILE A 47 -5.07 -33.89 24.48
CA ILE A 47 -4.65 -33.89 25.88
C ILE A 47 -3.14 -33.78 26.00
N HIS A 48 -2.66 -33.01 26.99
CA HIS A 48 -1.25 -32.97 27.30
C HIS A 48 -1.05 -34.21 28.21
N GLU A 49 -0.19 -35.15 27.82
CA GLU A 49 0.01 -36.39 28.61
C GLU A 49 0.45 -36.17 30.06
N VAL A 50 1.18 -35.07 30.35
CA VAL A 50 1.66 -34.79 31.71
C VAL A 50 0.61 -34.08 32.58
N THR A 51 0.17 -32.89 32.16
CA THR A 51 -0.77 -32.06 32.94
C THR A 51 -2.22 -32.51 32.87
N LYS A 52 -2.56 -33.31 31.87
CA LYS A 52 -3.93 -33.83 31.62
C LYS A 52 -4.92 -32.74 31.20
N VAL A 53 -4.39 -31.58 30.76
CA VAL A 53 -5.21 -30.47 30.27
C VAL A 53 -5.84 -30.90 28.97
N LEU A 54 -7.13 -30.63 28.84
CA LEU A 54 -7.86 -30.97 27.62
C LEU A 54 -8.09 -29.73 26.72
N LEU A 55 -7.83 -29.92 25.43
CA LEU A 55 -7.99 -28.92 24.39
C LEU A 55 -8.90 -29.47 23.34
N VAL A 56 -9.50 -28.61 22.55
CA VAL A 56 -10.36 -28.99 21.43
C VAL A 56 -9.72 -28.47 20.16
N LEU A 57 -9.49 -29.37 19.21
CA LEU A 57 -9.07 -29.03 17.87
C LEU A 57 -10.32 -28.92 17.01
N GLU A 58 -10.48 -27.79 16.30
CA GLU A 58 -11.52 -27.63 15.29
C GLU A 58 -10.76 -27.50 13.97
N LEU A 59 -10.88 -28.52 13.14
CA LEU A 59 -10.20 -28.62 11.85
C LEU A 59 -11.21 -28.46 10.76
N GLN A 60 -10.94 -27.53 9.85
CA GLN A 60 -11.84 -27.27 8.74
C GLN A 60 -11.14 -27.21 7.42
N GLY A 61 -11.77 -27.83 6.44
CA GLY A 61 -11.42 -27.67 5.04
C GLY A 61 -12.19 -26.45 4.60
N LEU A 62 -11.61 -25.61 3.76
CA LEU A 62 -12.28 -24.40 3.28
C LEU A 62 -12.23 -24.33 1.78
N GLN A 63 -13.23 -23.66 1.20
CA GLN A 63 -13.25 -23.39 -0.24
C GLN A 63 -11.99 -22.59 -0.57
N LYS A 64 -11.55 -22.70 -1.84
CA LYS A 64 -10.39 -22.00 -2.34
C LYS A 64 -9.08 -22.55 -1.78
N ASN A 65 -8.99 -23.87 -1.56
CA ASN A 65 -7.73 -24.51 -1.16
C ASN A 65 -7.10 -24.03 0.16
N MET A 66 -7.93 -23.92 1.20
CA MET A 66 -7.39 -23.47 2.48
C MET A 66 -7.81 -24.44 3.54
N THR A 67 -7.11 -24.42 4.67
CA THR A 67 -7.40 -25.23 5.81
C THR A 67 -7.35 -24.33 7.04
N ARG A 68 -8.32 -24.47 7.94
CA ARG A 68 -8.29 -23.71 9.18
C ARG A 68 -8.14 -24.65 10.38
N ILE A 69 -7.21 -24.31 11.29
CA ILE A 69 -6.92 -25.04 12.52
C ILE A 69 -7.13 -24.12 13.70
N ARG A 70 -8.08 -24.47 14.54
CA ARG A 70 -8.31 -23.73 15.75
C ARG A 70 -8.19 -24.64 16.93
N ILE A 71 -7.44 -24.19 17.96
CA ILE A 71 -7.25 -24.94 19.19
C ILE A 71 -7.56 -24.01 20.35
N ASP A 72 -8.43 -24.46 21.26
CA ASP A 72 -8.81 -23.74 22.47
C ASP A 72 -8.92 -24.74 23.60
N GLU A 73 -8.98 -24.26 24.84
CA GLU A 73 -9.19 -25.11 26.02
C GLU A 73 -10.62 -25.69 25.98
N LEU A 74 -10.78 -26.97 26.36
CA LEU A 74 -12.11 -27.59 26.41
C LEU A 74 -12.95 -26.94 27.53
N GLU A 75 -12.34 -26.73 28.72
CA GLU A 75 -13.07 -26.19 29.88
C GLU A 75 -12.26 -25.00 30.42
N PRO A 76 -12.36 -23.82 29.77
CA PRO A 76 -11.56 -22.70 30.27
C PRO A 76 -12.14 -22.06 31.51
N ARG A 77 -11.25 -21.52 32.36
CA ARG A 77 -11.61 -20.74 33.54
C ARG A 77 -12.29 -19.44 33.10
N ARG A 78 -11.79 -18.84 32.02
CA ARG A 78 -12.30 -17.60 31.44
C ARG A 78 -12.17 -17.69 29.91
N PRO A 79 -13.08 -17.09 29.13
CA PRO A 79 -12.90 -17.19 27.66
C PRO A 79 -11.57 -16.60 27.15
N ARG A 80 -10.97 -17.26 26.13
CA ARG A 80 -9.78 -16.82 25.41
C ARG A 80 -10.18 -15.93 24.24
N TYR A 81 -9.38 -14.90 23.97
CA TYR A 81 -9.62 -13.98 22.88
C TYR A 81 -9.58 -14.66 21.52
N ARG A 82 -10.49 -14.25 20.65
CA ARG A 82 -10.55 -14.64 19.24
C ARG A 82 -10.63 -13.34 18.50
N VAL A 83 -9.75 -13.12 17.50
CA VAL A 83 -9.65 -11.82 16.87
C VAL A 83 -10.86 -11.41 16.10
N PRO A 84 -11.50 -10.31 16.50
CA PRO A 84 -12.67 -9.83 15.74
C PRO A 84 -12.31 -8.82 14.65
N ASP A 85 -13.24 -8.58 13.74
CA ASP A 85 -13.21 -7.51 12.73
C ASP A 85 -12.10 -7.57 11.70
N VAL A 86 -11.30 -8.62 11.68
CA VAL A 86 -10.22 -8.76 10.72
C VAL A 86 -10.75 -9.51 9.52
N LEU A 87 -11.39 -10.66 9.77
CA LEU A 87 -12.06 -11.44 8.74
C LEU A 87 -13.25 -10.67 8.19
N VAL A 88 -13.37 -10.60 6.85
CA VAL A 88 -14.47 -9.90 6.17
C VAL A 88 -15.75 -10.71 6.06
N ALA A 89 -15.62 -12.02 6.22
CA ALA A 89 -16.72 -12.95 6.12
C ALA A 89 -16.35 -14.22 6.86
N ASP A 90 -17.38 -15.01 7.14
CA ASP A 90 -17.20 -16.31 7.73
C ASP A 90 -16.77 -17.18 6.54
N PRO A 91 -15.53 -17.68 6.56
CA PRO A 91 -15.03 -18.39 5.37
C PRO A 91 -15.90 -19.56 4.94
N PRO A 92 -16.28 -19.61 3.63
CA PRO A 92 -17.06 -20.76 3.14
C PRO A 92 -16.27 -22.07 3.31
N THR A 93 -16.90 -23.09 3.89
CA THR A 93 -16.23 -24.36 4.18
C THR A 93 -16.30 -25.37 3.05
N ALA A 94 -15.50 -26.44 3.21
CA ALA A 94 -15.48 -27.62 2.36
C ALA A 94 -15.52 -28.84 3.29
N ARG A 95 -16.33 -29.83 2.91
CA ARG A 95 -16.56 -31.05 3.69
C ARG A 95 -15.34 -31.93 3.80
N LEU A 96 -15.08 -32.41 5.01
CA LEU A 96 -14.02 -33.37 5.23
C LEU A 96 -14.71 -34.74 5.32
N SER A 97 -14.18 -35.74 4.59
CA SER A 97 -14.68 -37.13 4.57
C SER A 97 -13.60 -38.06 5.05
N VAL A 98 -13.95 -39.06 5.87
CA VAL A 98 -12.94 -40.04 6.29
C VAL A 98 -12.63 -41.02 5.15
N SER A 99 -11.41 -40.99 4.59
CA SER A 99 -11.00 -41.91 3.52
C SER A 99 -10.01 -42.99 4.00
N GLY A 100 -9.73 -43.02 5.30
CA GLY A 100 -8.76 -43.92 5.90
C GLY A 100 -8.72 -43.75 7.40
N ARG A 101 -8.57 -44.85 8.11
CA ARG A 101 -8.63 -44.80 9.55
C ARG A 101 -7.99 -46.02 10.16
N ASP A 102 -7.21 -45.82 11.24
CA ASP A 102 -6.68 -46.87 12.09
C ASP A 102 -6.67 -46.39 13.54
N ASP A 103 -6.05 -47.19 14.44
CA ASP A 103 -5.94 -46.87 15.86
C ASP A 103 -5.19 -45.56 16.12
N ASN A 104 -4.26 -45.16 15.23
CA ASN A 104 -3.50 -43.94 15.52
C ASN A 104 -3.58 -42.82 14.48
N SER A 105 -4.42 -42.98 13.47
CA SER A 105 -4.42 -42.08 12.32
C SER A 105 -5.75 -42.05 11.64
N VAL A 106 -6.13 -40.87 11.12
CA VAL A 106 -7.35 -40.67 10.34
C VAL A 106 -6.94 -39.91 9.11
N GLU A 107 -7.28 -40.40 7.93
CA GLU A 107 -7.04 -39.69 6.67
C GLU A 107 -8.36 -39.08 6.24
N LEU A 108 -8.32 -37.79 5.94
CA LEU A 108 -9.47 -36.99 5.56
C LEU A 108 -9.34 -36.46 4.15
N THR A 109 -10.40 -36.58 3.35
CA THR A 109 -10.35 -35.99 2.03
C THR A 109 -11.15 -34.70 2.07
N VAL A 110 -10.61 -33.64 1.46
CA VAL A 110 -11.27 -32.34 1.39
C VAL A 110 -12.15 -32.35 0.13
N ALA A 111 -13.49 -32.19 0.31
CA ALA A 111 -14.51 -32.28 -0.75
C ALA A 111 -14.29 -33.57 -1.54
N GLU A 112 -14.03 -33.47 -2.86
CA GLU A 112 -13.78 -34.63 -3.71
C GLU A 112 -12.31 -34.65 -4.13
N GLY A 113 -11.43 -34.15 -3.27
CA GLY A 113 -10.02 -34.13 -3.61
C GLY A 113 -9.64 -33.01 -4.56
N PRO A 114 -8.34 -32.87 -4.86
CA PRO A 114 -7.23 -33.76 -4.47
C PRO A 114 -6.61 -33.53 -3.07
N TYR A 115 -7.05 -32.51 -2.32
CA TYR A 115 -6.46 -32.22 -1.02
C TYR A 115 -6.85 -33.24 0.04
N LYS A 116 -5.88 -33.59 0.88
CA LYS A 116 -6.03 -34.59 1.93
C LYS A 116 -5.31 -34.11 3.16
N ILE A 117 -5.82 -34.52 4.32
CA ILE A 117 -5.27 -34.18 5.63
C ILE A 117 -5.13 -35.45 6.42
N ILE A 118 -3.96 -35.68 6.99
CA ILE A 118 -3.73 -36.82 7.85
C ILE A 118 -3.60 -36.32 9.27
N LEU A 119 -4.52 -36.77 10.13
CA LEU A 119 -4.44 -36.49 11.54
C LEU A 119 -3.81 -37.73 12.25
N THR A 120 -2.69 -37.53 12.93
CA THR A 120 -2.03 -38.60 13.69
C THR A 120 -2.39 -38.33 15.13
N ALA A 121 -2.86 -39.35 15.85
CA ALA A 121 -3.24 -39.16 17.23
C ALA A 121 -2.07 -39.01 18.21
N GLN A 122 -1.09 -39.93 18.18
CA GLN A 122 0.04 -39.90 19.11
C GLN A 122 1.36 -40.06 18.40
N PRO A 123 2.25 -39.07 18.45
CA PRO A 123 2.02 -37.72 18.97
C PRO A 123 1.12 -36.97 17.99
N PHE A 124 0.42 -35.97 18.50
CA PHE A 124 -0.47 -35.16 17.66
C PHE A 124 0.31 -34.51 16.52
N ARG A 125 -0.18 -34.71 15.32
CA ARG A 125 0.39 -34.17 14.12
C ARG A 125 -0.70 -34.05 13.07
N LEU A 126 -0.57 -33.02 12.21
CA LEU A 126 -1.39 -32.88 11.01
C LEU A 126 -0.47 -32.84 9.81
N ASP A 127 -0.84 -33.50 8.73
CA ASP A 127 -0.13 -33.44 7.46
C ASP A 127 -1.13 -33.03 6.38
N LEU A 128 -0.77 -32.03 5.56
CA LEU A 128 -1.64 -31.53 4.49
C LEU A 128 -1.00 -31.90 3.16
N LEU A 129 -1.76 -32.60 2.32
CA LEU A 129 -1.24 -33.07 1.05
C LEU A 129 -2.13 -32.66 -0.09
N GLU A 130 -1.55 -32.61 -1.29
CA GLU A 130 -2.31 -32.53 -2.53
C GLU A 130 -1.97 -33.83 -3.24
N ASP A 131 -2.94 -34.75 -3.29
CA ASP A 131 -2.77 -36.09 -3.84
C ASP A 131 -1.62 -36.81 -3.08
N ARG A 132 -0.46 -37.02 -3.73
CA ARG A 132 0.71 -37.67 -3.14
C ARG A 132 1.81 -36.70 -2.69
N SER A 133 1.63 -35.39 -2.95
CA SER A 133 2.64 -34.41 -2.55
C SER A 133 2.33 -33.84 -1.18
N LEU A 134 3.27 -34.00 -0.23
CA LEU A 134 3.19 -33.43 1.11
C LEU A 134 3.51 -31.93 1.01
N LEU A 135 2.56 -31.11 1.43
CA LEU A 135 2.70 -29.67 1.36
C LEU A 135 3.21 -29.08 2.63
N LEU A 136 2.70 -29.60 3.75
CA LEU A 136 3.02 -29.01 5.03
C LEU A 136 2.66 -29.93 6.19
N SER A 137 3.46 -29.87 7.23
CA SER A 137 3.14 -30.60 8.45
C SER A 137 3.00 -29.63 9.60
N VAL A 138 2.19 -30.00 10.59
CA VAL A 138 1.88 -29.22 11.78
C VAL A 138 2.29 -30.04 12.99
N ASN A 139 3.11 -29.44 13.85
CA ASN A 139 3.64 -30.04 15.07
C ASN A 139 4.67 -31.15 14.77
N ALA A 140 5.29 -31.13 13.58
CA ALA A 140 6.29 -32.11 13.18
C ALA A 140 7.51 -32.13 14.11
N ARG A 141 7.90 -30.98 14.70
CA ARG A 141 9.02 -30.88 15.64
C ARG A 141 8.56 -30.90 17.10
N GLY A 142 7.28 -31.20 17.31
CA GLY A 142 6.67 -31.26 18.63
C GLY A 142 6.75 -29.98 19.43
N LEU A 143 6.62 -28.83 18.76
CA LEU A 143 6.77 -27.55 19.46
C LEU A 143 5.44 -26.94 19.90
N MET A 144 4.32 -27.64 19.70
CA MET A 144 3.04 -27.13 20.18
C MET A 144 3.09 -26.91 21.69
N ALA A 145 2.66 -25.73 22.15
CA ALA A 145 2.63 -25.43 23.60
C ALA A 145 1.43 -24.56 23.87
N PHE A 146 0.57 -25.02 24.77
CA PHE A 146 -0.65 -24.29 25.07
C PHE A 146 -0.71 -24.15 26.55
N GLU A 147 -0.38 -22.98 27.08
CA GLU A 147 -0.39 -22.81 28.52
C GLU A 147 -1.82 -22.55 28.96
N HIS A 148 -2.42 -23.50 29.69
CA HIS A 148 -3.79 -23.37 30.18
C HIS A 148 -3.90 -22.32 31.28
N GLN A 149 -5.11 -21.74 31.42
CA GLN A 149 -5.39 -20.76 32.45
C GLN A 149 -5.39 -21.40 33.85
N ARG A 150 -4.43 -21.03 34.70
CA ARG A 150 -4.34 -21.54 36.07
C ARG A 150 -5.23 -20.68 37.00
N ALA A 151 -5.40 -21.04 38.30
CA ALA A 151 -6.21 -20.28 39.29
C ALA A 151 -5.71 -18.83 39.53
N PRO A 152 -6.56 -17.79 39.22
CA PRO A 152 -6.14 -16.35 39.39
C PRO A 152 -5.60 -15.91 40.74
N ARG A 153 -4.92 -14.73 40.74
CA ARG A 153 -4.32 -14.11 41.94
C ARG A 153 -4.45 -12.58 41.91
N GLU A 190 8.39 -20.59 35.95
CA GLU A 190 8.14 -19.82 37.18
C GLU A 190 8.62 -18.35 37.14
N PRO A 191 9.95 -18.01 37.10
CA PRO A 191 10.31 -16.58 37.08
C PRO A 191 9.60 -15.74 36.02
N GLY A 192 8.85 -14.71 36.47
CA GLY A 192 8.09 -13.81 35.62
C GLY A 192 6.86 -14.41 34.95
N ALA A 193 6.43 -15.63 35.36
CA ALA A 193 5.24 -16.26 34.79
C ALA A 193 3.99 -15.53 35.24
N TRP A 194 4.00 -14.91 36.45
CA TRP A 194 2.90 -14.12 37.00
C TRP A 194 3.31 -12.66 36.93
N GLU A 195 3.35 -11.90 38.06
CA GLU A 195 3.82 -10.50 38.08
C GLU A 195 5.19 -10.44 37.40
N GLU A 196 5.44 -9.40 36.61
CA GLU A 196 6.64 -9.31 35.80
C GLU A 196 7.05 -7.86 35.63
N THR A 197 8.32 -7.59 35.68
CA THR A 197 8.77 -6.21 35.53
C THR A 197 9.75 -6.13 34.39
N PHE A 198 9.74 -5.00 33.70
CA PHE A 198 10.67 -4.68 32.64
C PHE A 198 11.04 -3.24 32.87
N LYS A 199 12.36 -3.05 33.12
CA LYS A 199 12.93 -1.76 33.49
CA LYS A 199 12.92 -1.75 33.48
C LYS A 199 12.12 -1.30 34.72
N THR A 200 11.40 -0.15 34.66
CA THR A 200 10.63 0.32 35.82
C THR A 200 9.14 -0.03 35.79
N HIS A 201 8.71 -0.74 34.76
CA HIS A 201 7.30 -1.06 34.57
C HIS A 201 6.94 -2.44 35.04
N SER A 202 5.83 -2.54 35.75
CA SER A 202 5.34 -3.79 36.30
C SER A 202 4.05 -4.18 35.59
N ASP A 203 3.88 -5.46 35.30
CA ASP A 203 2.71 -6.05 34.71
C ASP A 203 2.13 -6.93 35.80
N SER A 204 0.94 -6.58 36.33
CA SER A 204 0.31 -7.38 37.41
C SER A 204 -0.14 -8.79 36.97
N LYS A 205 -0.30 -8.99 35.62
CA LYS A 205 -0.55 -10.30 35.01
C LYS A 205 -1.53 -11.19 35.84
N PRO A 206 -2.80 -10.76 35.97
CA PRO A 206 -3.76 -11.53 36.78
C PRO A 206 -4.03 -12.98 36.35
N TYR A 207 -3.88 -13.28 35.05
CA TYR A 207 -4.15 -14.63 34.53
C TYR A 207 -2.94 -15.51 34.38
N GLY A 208 -1.77 -14.98 34.72
CA GLY A 208 -0.53 -15.74 34.63
C GLY A 208 -0.19 -16.23 33.24
N PRO A 209 0.50 -17.36 33.13
CA PRO A 209 0.94 -17.85 31.81
C PRO A 209 -0.18 -18.46 30.97
N THR A 210 -0.40 -17.89 29.78
CA THR A 210 -1.47 -18.33 28.89
C THR A 210 -1.00 -18.37 27.42
N SER A 211 0.31 -18.44 27.19
CA SER A 211 0.80 -18.39 25.81
C SER A 211 0.50 -19.67 25.00
N VAL A 212 0.43 -19.49 23.68
CA VAL A 212 0.11 -20.54 22.73
C VAL A 212 1.13 -20.49 21.60
N GLY A 213 1.48 -21.64 21.11
CA GLY A 213 2.45 -21.73 20.02
C GLY A 213 2.37 -23.06 19.32
N LEU A 214 2.81 -23.06 18.07
CA LEU A 214 2.74 -24.21 17.19
C LEU A 214 3.73 -24.02 16.08
N ASP A 215 4.32 -25.13 15.64
CA ASP A 215 5.28 -25.15 14.53
C ASP A 215 4.67 -25.80 13.28
N PHE A 216 5.23 -25.41 12.13
CA PHE A 216 4.84 -25.82 10.79
C PHE A 216 6.11 -26.11 10.00
N SER A 217 6.07 -27.18 9.17
CA SER A 217 7.16 -27.63 8.33
C SER A 217 6.77 -27.52 6.88
N LEU A 218 7.69 -26.97 6.08
CA LEU A 218 7.46 -26.66 4.70
C LEU A 218 8.49 -27.34 3.84
N PRO A 219 8.25 -28.65 3.53
CA PRO A 219 9.19 -29.41 2.67
C PRO A 219 9.34 -28.81 1.28
N GLY A 220 10.57 -28.69 0.80
CA GLY A 220 10.84 -28.11 -0.51
C GLY A 220 10.90 -26.59 -0.52
N MET A 221 10.65 -25.93 0.63
CA MET A 221 10.66 -24.48 0.72
C MET A 221 11.93 -23.98 1.37
N GLU A 222 12.68 -23.11 0.69
CA GLU A 222 13.90 -22.50 1.22
C GLU A 222 13.78 -20.99 1.34
N HIS A 223 12.69 -20.41 0.81
CA HIS A 223 12.50 -18.97 0.79
C HIS A 223 11.19 -18.61 1.41
N VAL A 224 11.23 -17.79 2.47
CA VAL A 224 10.01 -17.34 3.17
C VAL A 224 10.03 -15.84 3.30
N TYR A 225 8.84 -15.26 3.31
CA TYR A 225 8.62 -13.82 3.23
C TYR A 225 7.46 -13.36 4.09
N GLY A 226 7.41 -12.06 4.33
CA GLY A 226 6.30 -11.43 5.00
C GLY A 226 6.54 -11.04 6.42
N ILE A 227 5.56 -11.35 7.30
CA ILE A 227 5.52 -10.94 8.70
C ILE A 227 6.10 -9.54 8.91
N PRO A 228 5.64 -8.51 8.16
CA PRO A 228 6.10 -7.15 8.44
C PRO A 228 5.57 -6.73 9.83
N GLU A 229 6.14 -5.71 10.50
CA GLU A 229 7.10 -4.79 9.96
C GLU A 229 8.47 -4.92 10.59
N HIS A 230 9.50 -5.17 9.75
CA HIS A 230 10.89 -5.21 10.19
C HIS A 230 11.72 -4.48 9.16
N ALA A 231 12.76 -3.79 9.61
CA ALA A 231 13.70 -3.14 8.70
C ALA A 231 14.72 -4.22 8.40
N ASP A 232 14.30 -5.13 7.55
CA ASP A 232 15.10 -6.29 7.17
C ASP A 232 14.84 -6.66 5.73
N SER A 233 15.61 -7.62 5.28
CA SER A 233 15.57 -8.16 3.94
C SER A 233 14.22 -8.78 3.58
N LEU A 234 13.88 -8.73 2.28
CA LEU A 234 12.64 -9.31 1.74
C LEU A 234 12.57 -10.81 2.02
N ARG A 235 13.64 -11.52 1.70
CA ARG A 235 13.74 -12.93 2.04
C ARG A 235 14.07 -12.98 3.53
N LEU A 236 13.20 -13.59 4.30
CA LEU A 236 13.46 -13.65 5.75
C LEU A 236 14.60 -14.58 6.10
N LYS A 237 15.35 -14.20 7.13
CA LYS A 237 16.50 -14.95 7.62
C LYS A 237 16.11 -15.98 8.66
N VAL A 238 16.95 -17.01 8.77
CA VAL A 238 16.85 -18.04 9.79
C VAL A 238 17.14 -17.31 11.16
N THR A 239 16.39 -17.65 12.19
CA THR A 239 16.47 -16.99 13.50
C THR A 239 17.27 -17.79 14.52
N GLU A 240 17.62 -19.05 14.21
CA GLU A 240 18.39 -20.02 15.02
C GLU A 240 19.47 -19.43 15.95
N GLY A 241 20.42 -18.71 15.36
CA GLY A 241 21.52 -18.13 16.13
C GLY A 241 21.24 -16.83 16.87
N GLY A 242 20.02 -16.30 16.75
CA GLY A 242 19.71 -15.01 17.34
C GLY A 242 18.30 -14.89 17.83
N GLU A 243 17.69 -13.77 17.54
CA GLU A 243 16.34 -13.44 17.96
C GLU A 243 15.28 -13.89 16.97
N PRO A 244 14.09 -14.30 17.47
CA PRO A 244 12.98 -14.56 16.55
C PRO A 244 12.48 -13.23 15.99
N TYR A 245 11.74 -13.26 14.86
CA TYR A 245 11.07 -12.06 14.37
C TYR A 245 9.96 -11.71 15.35
N ARG A 246 9.86 -10.45 15.74
CA ARG A 246 8.86 -10.04 16.70
C ARG A 246 7.76 -9.24 16.04
N LEU A 247 6.51 -9.53 16.42
CA LEU A 247 5.31 -8.82 15.96
C LEU A 247 4.65 -8.19 17.15
N TYR A 248 4.93 -6.92 17.39
CA TYR A 248 4.33 -6.18 18.50
C TYR A 248 4.45 -4.75 18.11
N ASN A 249 3.33 -4.11 17.80
CA ASN A 249 3.33 -2.73 17.31
C ASN A 249 4.00 -1.77 18.26
N LEU A 250 5.16 -1.24 17.86
CA LEU A 250 6.01 -0.40 18.72
C LEU A 250 6.58 0.78 18.00
N ASP A 251 6.75 1.89 18.74
CA ASP A 251 7.36 3.12 18.28
C ASP A 251 8.86 3.03 18.68
N VAL A 252 9.74 2.74 17.69
CA VAL A 252 11.17 2.51 17.86
C VAL A 252 11.94 3.71 17.34
N PHE A 253 12.35 4.61 18.24
CA PHE A 253 13.07 5.85 17.90
C PHE A 253 14.42 5.50 17.29
N GLN A 254 14.71 6.06 16.11
CA GLN A 254 15.97 5.84 15.40
C GLN A 254 16.23 4.36 15.16
N TYR A 255 15.22 3.69 14.59
CA TYR A 255 15.32 2.27 14.29
C TYR A 255 16.46 2.01 13.33
N GLU A 256 17.08 0.86 13.52
CA GLU A 256 18.25 0.45 12.75
C GLU A 256 17.89 -0.63 11.75
N LEU A 257 18.82 -0.93 10.84
CA LEU A 257 18.56 -1.83 9.73
C LEU A 257 19.07 -3.22 9.92
N ASN A 258 18.48 -4.16 9.17
CA ASN A 258 18.79 -5.57 9.08
C ASN A 258 18.86 -6.25 10.47
N ASN A 259 17.70 -6.20 11.14
CA ASN A 259 17.49 -6.80 12.42
C ASN A 259 15.98 -7.13 12.58
N PRO A 260 15.69 -8.07 13.48
CA PRO A 260 14.31 -8.53 13.64
C PRO A 260 13.49 -7.81 14.70
N MET A 261 13.94 -6.65 15.18
CA MET A 261 13.18 -5.89 16.18
C MET A 261 11.77 -5.52 15.61
N ALA A 262 10.75 -5.60 16.47
CA ALA A 262 9.40 -5.23 16.09
C ALA A 262 9.28 -3.74 15.81
N LEU A 263 8.71 -3.39 14.65
CA LEU A 263 8.41 -2.00 14.36
C LEU A 263 6.88 -1.71 14.57
N TYR A 264 6.35 -0.71 13.90
CA TYR A 264 5.05 -0.10 14.16
C TYR A 264 3.84 -0.92 13.85
N GLY A 265 4.01 -1.84 12.90
CA GLY A 265 2.94 -2.68 12.40
C GLY A 265 3.27 -4.14 12.42
N SER A 266 2.24 -4.98 12.37
CA SER A 266 2.37 -6.43 12.50
C SER A 266 1.35 -7.11 11.62
N VAL A 267 1.81 -7.87 10.61
CA VAL A 267 0.89 -8.63 9.75
C VAL A 267 1.32 -10.08 9.88
N PRO A 268 0.59 -10.90 10.63
CA PRO A 268 1.06 -12.27 10.89
C PRO A 268 0.75 -13.23 9.75
N VAL A 269 1.40 -12.97 8.62
CA VAL A 269 1.21 -13.73 7.39
C VAL A 269 2.57 -14.00 6.85
N LEU A 270 2.85 -15.28 6.62
CA LEU A 270 4.12 -15.71 6.06
C LEU A 270 3.86 -16.40 4.72
N LEU A 271 4.60 -16.02 3.69
CA LEU A 271 4.52 -16.65 2.38
C LEU A 271 5.76 -17.48 2.17
N ALA A 272 5.57 -18.63 1.54
CA ALA A 272 6.65 -19.53 1.20
C ALA A 272 6.63 -19.80 -0.32
N HIS A 273 7.77 -19.60 -0.98
CA HIS A 273 7.88 -19.78 -2.42
C HIS A 273 8.99 -20.77 -2.81
N SER A 274 8.70 -21.63 -3.78
CA SER A 274 9.70 -22.49 -4.40
C SER A 274 9.36 -22.47 -5.89
N PHE A 275 10.25 -23.04 -6.72
CA PHE A 275 10.03 -23.28 -8.14
C PHE A 275 8.70 -24.02 -8.37
N HIS A 276 8.29 -24.91 -7.44
CA HIS A 276 7.14 -25.81 -7.59
C HIS A 276 5.82 -25.31 -7.09
N ARG A 277 5.84 -24.52 -6.00
CA ARG A 277 4.60 -24.11 -5.37
C ARG A 277 4.73 -22.85 -4.52
N ASP A 278 3.57 -22.34 -4.12
CA ASP A 278 3.43 -21.24 -3.19
C ASP A 278 2.46 -21.61 -2.11
N LEU A 279 2.83 -21.27 -0.86
CA LEU A 279 2.00 -21.49 0.31
C LEU A 279 2.00 -20.24 1.16
N GLY A 280 0.99 -20.13 1.99
CA GLY A 280 0.91 -19.04 2.94
C GLY A 280 0.37 -19.55 4.24
N ILE A 281 0.80 -18.94 5.31
CA ILE A 281 0.36 -19.26 6.67
C ILE A 281 -0.11 -17.95 7.24
N PHE A 282 -1.34 -17.91 7.71
CA PHE A 282 -1.93 -16.74 8.33
C PHE A 282 -2.32 -17.09 9.77
N TRP A 283 -1.56 -16.55 10.72
CA TRP A 283 -1.70 -16.81 12.15
C TRP A 283 -2.55 -15.70 12.75
N LEU A 284 -3.86 -15.96 12.88
CA LEU A 284 -4.79 -14.96 13.35
C LEU A 284 -4.75 -14.83 14.84
N ASN A 285 -3.87 -13.94 15.33
CA ASN A 285 -3.64 -13.66 16.74
C ASN A 285 -3.21 -12.22 16.88
N ALA A 286 -3.83 -11.48 17.82
CA ALA A 286 -3.58 -10.05 18.02
C ALA A 286 -2.60 -9.79 19.13
N ALA A 287 -2.15 -10.84 19.82
CA ALA A 287 -1.25 -10.63 20.95
C ALA A 287 0.21 -10.60 20.48
N GLU A 288 1.14 -10.14 21.35
CA GLU A 288 2.58 -10.16 21.09
C GLU A 288 2.95 -11.52 20.56
N THR A 289 3.61 -11.53 19.41
CA THR A 289 3.92 -12.76 18.70
C THR A 289 5.37 -12.79 18.26
N TRP A 290 6.02 -13.92 18.48
CA TRP A 290 7.39 -14.15 18.04
C TRP A 290 7.37 -15.28 17.04
N VAL A 291 8.18 -15.16 15.94
CA VAL A 291 8.26 -16.13 14.89
C VAL A 291 9.68 -16.63 14.70
N ASP A 292 9.87 -17.94 14.92
CA ASP A 292 11.15 -18.57 14.67
C ASP A 292 11.15 -19.25 13.33
N ILE A 293 12.23 -19.08 12.60
CA ILE A 293 12.42 -19.67 11.28
C ILE A 293 13.69 -20.49 11.31
N SER A 294 13.63 -21.73 10.84
CA SER A 294 14.83 -22.56 10.77
C SER A 294 14.81 -23.41 9.51
N SER A 295 15.98 -23.82 9.02
CA SER A 295 16.01 -24.69 7.84
C SER A 295 16.75 -26.00 8.12
N ASN A 296 16.77 -26.92 7.11
CA ASN A 296 17.45 -28.24 7.10
C ASN A 296 17.68 -28.61 5.65
N THR A 316 14.87 -32.48 -0.54
CA THR A 316 15.18 -32.54 0.89
C THR A 316 15.28 -31.13 1.58
N PRO A 317 15.48 -29.96 0.88
CA PRO A 317 15.48 -28.68 1.63
C PRO A 317 14.10 -28.38 2.22
N GLN A 318 14.09 -27.77 3.40
CA GLN A 318 12.88 -27.54 4.17
C GLN A 318 13.06 -26.38 5.12
N THR A 319 11.99 -25.60 5.31
CA THR A 319 11.94 -24.50 6.26
C THR A 319 10.85 -24.80 7.26
N ASP A 320 11.16 -24.56 8.53
CA ASP A 320 10.21 -24.74 9.62
C ASP A 320 9.95 -23.39 10.22
N ILE A 321 8.69 -23.18 10.58
CA ILE A 321 8.22 -21.91 11.12
C ILE A 321 7.54 -22.18 12.42
N ARG A 322 7.84 -21.42 13.44
CA ARG A 322 7.15 -21.56 14.71
C ARG A 322 6.57 -20.21 15.14
N TRP A 323 5.31 -20.19 15.53
CA TRP A 323 4.65 -18.97 16.01
C TRP A 323 4.39 -19.10 17.50
N MET A 324 4.63 -18.03 18.26
CA MET A 324 4.47 -18.07 19.71
C MET A 324 3.77 -16.78 20.11
N SER A 325 2.54 -16.91 20.64
CA SER A 325 1.73 -15.76 21.01
C SER A 325 1.39 -15.70 22.51
N GLU A 326 1.33 -14.50 23.10
CA GLU A 326 1.10 -14.36 24.53
C GLU A 326 -0.21 -14.88 25.03
N SER A 327 -1.29 -14.71 24.24
CA SER A 327 -2.64 -15.05 24.67
C SER A 327 -3.49 -15.38 23.46
N GLY A 328 -4.78 -15.55 23.71
CA GLY A 328 -5.74 -15.93 22.69
C GLY A 328 -5.73 -17.43 22.40
N ILE A 329 -6.34 -17.79 21.27
CA ILE A 329 -6.38 -19.17 20.85
C ILE A 329 -5.36 -19.36 19.75
N ILE A 330 -5.22 -20.59 19.32
CA ILE A 330 -4.48 -20.91 18.13
C ILE A 330 -5.53 -20.87 17.04
N ASP A 331 -5.33 -20.00 16.06
CA ASP A 331 -6.22 -19.85 14.92
C ASP A 331 -5.32 -19.60 13.72
N VAL A 332 -5.19 -20.59 12.90
CA VAL A 332 -4.27 -20.48 11.78
C VAL A 332 -4.91 -20.94 10.48
N PHE A 333 -4.69 -20.19 9.43
CA PHE A 333 -5.13 -20.52 8.09
C PHE A 333 -3.91 -20.95 7.26
N LEU A 334 -4.04 -22.08 6.57
CA LEU A 334 -3.01 -22.59 5.68
C LEU A 334 -3.61 -22.40 4.32
N MET A 335 -2.94 -21.64 3.49
CA MET A 335 -3.39 -21.22 2.18
C MET A 335 -2.51 -21.94 1.20
N LEU A 336 -3.11 -22.92 0.50
CA LEU A 336 -2.32 -23.91 -0.22
C LEU A 336 -2.01 -23.61 -1.67
N GLY A 337 -2.29 -22.39 -2.12
CA GLY A 337 -1.95 -22.03 -3.48
C GLY A 337 -2.78 -22.78 -4.51
N PRO A 338 -2.14 -23.35 -5.56
CA PRO A 338 -0.69 -23.58 -5.73
C PRO A 338 0.16 -22.42 -6.24
N SER A 339 -0.39 -21.45 -6.97
CA SER A 339 0.40 -20.29 -7.41
C SER A 339 0.37 -19.15 -6.36
N VAL A 340 1.25 -18.18 -6.51
CA VAL A 340 1.29 -17.08 -5.56
C VAL A 340 0.02 -16.22 -5.72
N PHE A 341 -0.51 -16.15 -6.95
CA PHE A 341 -1.75 -15.42 -7.21
C PHE A 341 -2.94 -16.10 -6.53
N ASP A 342 -2.93 -17.43 -6.48
CA ASP A 342 -3.93 -18.22 -5.75
C ASP A 342 -3.85 -17.91 -4.26
N VAL A 343 -2.64 -17.82 -3.69
CA VAL A 343 -2.45 -17.47 -2.27
C VAL A 343 -2.95 -16.03 -2.03
N PHE A 344 -2.63 -15.06 -2.95
CA PHE A 344 -3.14 -13.69 -2.81
C PHE A 344 -4.66 -13.68 -2.74
N ARG A 345 -5.32 -14.45 -3.61
CA ARG A 345 -6.78 -14.53 -3.62
C ARG A 345 -7.32 -15.15 -2.34
N GLN A 346 -6.68 -16.20 -1.88
CA GLN A 346 -7.07 -16.93 -0.69
C GLN A 346 -7.06 -15.98 0.50
N TYR A 347 -5.94 -15.30 0.69
CA TYR A 347 -5.80 -14.33 1.76
C TYR A 347 -6.77 -13.16 1.64
N ALA A 348 -7.00 -12.61 0.42
CA ALA A 348 -7.95 -11.52 0.21
C ALA A 348 -9.39 -11.97 0.50
N SER A 349 -9.68 -13.25 0.26
CA SER A 349 -11.00 -13.78 0.58
C SER A 349 -11.23 -13.76 2.10
N LEU A 350 -10.14 -13.80 2.89
CA LEU A 350 -10.26 -13.80 4.35
C LEU A 350 -10.29 -12.41 4.91
N THR A 351 -9.35 -11.55 4.49
CA THR A 351 -9.17 -10.22 5.11
C THR A 351 -9.55 -9.03 4.26
N GLY A 352 -9.99 -9.28 3.04
CA GLY A 352 -10.37 -8.23 2.11
C GLY A 352 -9.22 -7.70 1.30
N THR A 353 -9.53 -6.68 0.51
CA THR A 353 -8.59 -6.12 -0.42
C THR A 353 -8.27 -4.69 -0.13
N GLN A 354 -7.21 -4.22 -0.76
CA GLN A 354 -6.81 -2.85 -0.69
C GLN A 354 -7.97 -1.91 -1.07
N ALA A 355 -8.27 -0.93 -0.19
CA ALA A 355 -9.27 0.09 -0.45
C ALA A 355 -8.79 0.90 -1.63
N LEU A 356 -9.69 1.24 -2.56
CA LEU A 356 -9.35 1.97 -3.77
C LEU A 356 -9.02 3.40 -3.41
N PRO A 357 -7.74 3.81 -3.56
CA PRO A 357 -7.43 5.17 -3.16
C PRO A 357 -8.09 6.20 -4.03
N PRO A 358 -8.56 7.33 -3.45
CA PRO A 358 -8.94 8.45 -4.32
C PRO A 358 -7.69 8.82 -5.13
N LEU A 359 -7.86 9.18 -6.39
CA LEU A 359 -6.73 9.43 -7.26
C LEU A 359 -5.69 10.41 -6.69
N PHE A 360 -6.13 11.48 -6.03
CA PHE A 360 -5.17 12.48 -5.54
C PHE A 360 -4.13 11.89 -4.62
N SER A 361 -4.51 10.83 -3.87
CA SER A 361 -3.62 10.23 -2.89
C SER A 361 -2.50 9.44 -3.53
N LEU A 362 -2.60 9.20 -4.84
CA LEU A 362 -1.58 8.52 -5.65
C LEU A 362 -0.62 9.51 -6.27
N GLY A 363 -0.90 10.82 -6.12
CA GLY A 363 0.02 11.85 -6.54
C GLY A 363 1.15 12.04 -5.53
N TYR A 364 1.77 13.22 -5.59
CA TYR A 364 2.89 13.57 -4.72
C TYR A 364 2.41 14.32 -3.50
N HIS A 365 2.90 13.92 -2.33
CA HIS A 365 2.54 14.54 -1.05
C HIS A 365 3.74 15.30 -0.48
N GLN A 366 3.55 16.55 -0.08
CA GLN A 366 4.60 17.36 0.52
C GLN A 366 4.28 17.59 1.99
N SER A 367 5.20 17.14 2.82
CA SER A 367 5.08 17.20 4.28
C SER A 367 6.39 17.58 4.94
N ARG A 368 6.28 17.98 6.20
CA ARG A 368 7.37 18.12 7.14
C ARG A 368 6.78 18.38 8.49
N TRP A 369 7.60 18.19 9.53
CA TRP A 369 7.24 18.59 10.87
C TRP A 369 8.02 19.90 11.08
N ASN A 370 7.43 21.10 10.93
CA ASN A 370 6.07 21.38 10.59
C ASN A 370 6.04 22.56 9.66
N TYR A 371 5.01 22.66 8.81
CA TYR A 371 4.77 23.91 8.12
C TYR A 371 4.28 24.84 9.22
N ARG A 372 4.83 26.06 9.26
CA ARG A 372 4.68 26.96 10.38
C ARG A 372 3.31 27.54 10.61
N ASP A 373 2.61 27.90 9.54
CA ASP A 373 1.40 28.69 9.57
C ASP A 373 0.77 28.73 8.18
N GLU A 374 -0.39 29.44 8.03
CA GLU A 374 -1.09 29.55 6.75
C GLU A 374 -0.20 30.14 5.67
N ALA A 375 0.62 31.15 6.00
CA ALA A 375 1.55 31.76 5.05
C ALA A 375 2.55 30.75 4.51
N ASP A 376 3.12 29.92 5.38
CA ASP A 376 4.07 28.89 4.99
C ASP A 376 3.39 27.88 4.03
N VAL A 377 2.19 27.40 4.38
CA VAL A 377 1.42 26.48 3.53
C VAL A 377 1.16 27.10 2.16
N LEU A 378 0.74 28.38 2.12
CA LEU A 378 0.46 29.06 0.87
C LEU A 378 1.73 29.38 0.05
N GLU A 379 2.89 29.62 0.71
CA GLU A 379 4.17 29.82 0.02
C GLU A 379 4.64 28.49 -0.55
N VAL A 380 4.41 27.38 0.18
CA VAL A 380 4.81 26.05 -0.31
C VAL A 380 3.96 25.70 -1.53
N ASP A 381 2.65 25.92 -1.43
CA ASP A 381 1.77 25.72 -2.55
C ASP A 381 2.21 26.54 -3.80
N GLN A 382 2.54 27.82 -3.60
CA GLN A 382 2.95 28.72 -4.66
C GLN A 382 4.31 28.36 -5.20
N GLY A 383 5.18 27.86 -4.33
CA GLY A 383 6.52 27.34 -4.67
C GLY A 383 6.47 26.22 -5.71
N PHE A 384 5.54 25.26 -5.55
CA PHE A 384 5.35 24.21 -6.55
C PHE A 384 5.02 24.78 -7.90
N ASP A 385 4.07 25.72 -7.95
CA ASP A 385 3.63 26.32 -9.19
C ASP A 385 4.66 27.21 -9.83
N ASP A 386 5.42 27.95 -9.01
CA ASP A 386 6.46 28.80 -9.54
C ASP A 386 7.62 28.02 -10.09
N HIS A 387 7.81 26.80 -9.60
CA HIS A 387 8.92 25.98 -10.07
C HIS A 387 8.50 24.82 -10.97
N ASN A 388 7.23 24.82 -11.42
CA ASN A 388 6.69 23.83 -12.33
C ASN A 388 6.96 22.41 -11.82
N MET A 389 6.54 22.16 -10.58
CA MET A 389 6.64 20.84 -9.97
C MET A 389 5.26 20.46 -9.49
N PRO A 390 4.71 19.30 -9.91
CA PRO A 390 3.38 18.91 -9.44
C PRO A 390 3.35 18.44 -7.98
N CYS A 391 2.22 18.64 -7.35
CA CYS A 391 1.96 18.25 -5.98
C CYS A 391 0.46 18.16 -5.73
N ASP A 392 -0.02 17.09 -5.11
CA ASP A 392 -1.45 17.02 -4.83
C ASP A 392 -1.83 17.47 -3.43
N VAL A 393 -0.97 17.17 -2.43
CA VAL A 393 -1.32 17.38 -1.03
C VAL A 393 -0.21 18.02 -0.26
N ILE A 394 -0.59 18.93 0.68
CA ILE A 394 0.32 19.56 1.62
C ILE A 394 -0.12 19.12 2.98
N TRP A 395 0.83 18.71 3.80
CA TRP A 395 0.54 18.09 5.08
C TRP A 395 0.81 18.99 6.25
N LEU A 396 -0.07 18.85 7.28
CA LEU A 396 -0.02 19.57 8.55
C LEU A 396 0.25 18.62 9.68
N ASP A 397 1.46 18.67 10.23
CA ASP A 397 1.87 17.88 11.39
C ASP A 397 1.35 18.52 12.69
N ILE A 398 1.77 17.98 13.84
CA ILE A 398 1.24 18.25 15.18
C ILE A 398 1.23 19.72 15.59
N GLU A 399 2.13 20.53 15.04
CA GLU A 399 2.14 21.95 15.38
C GLU A 399 0.94 22.72 14.84
N HIS A 400 0.12 22.12 13.97
CA HIS A 400 -1.03 22.88 13.50
C HIS A 400 -2.16 23.01 14.51
N ALA A 401 -2.24 22.08 15.48
CA ALA A 401 -3.35 22.00 16.44
C ALA A 401 -3.10 22.95 17.60
N ASP A 402 -4.09 23.15 18.46
CA ASP A 402 -3.87 23.96 19.64
C ASP A 402 -3.23 23.07 20.72
N GLY A 403 -1.91 23.16 20.85
CA GLY A 403 -1.16 22.41 21.84
C GLY A 403 -1.40 20.92 21.88
N LYS A 404 -1.42 20.30 20.70
CA LYS A 404 -1.57 18.85 20.52
C LYS A 404 -2.90 18.32 21.02
N ARG A 405 -3.92 19.19 20.98
CA ARG A 405 -5.33 18.85 21.19
C ARG A 405 -5.84 18.59 19.77
N TYR A 406 -6.05 17.32 19.43
CA TYR A 406 -6.49 16.96 18.08
C TYR A 406 -7.90 17.44 17.81
N PHE A 407 -8.18 17.69 16.54
CA PHE A 407 -9.40 18.28 16.03
C PHE A 407 -9.46 19.79 16.31
N THR A 408 -8.35 20.43 16.66
CA THR A 408 -8.32 21.88 16.89
C THR A 408 -7.25 22.50 16.03
N TRP A 409 -7.22 23.81 16.03
CA TRP A 409 -6.27 24.59 15.26
C TRP A 409 -5.60 25.60 16.15
N ASP A 410 -4.29 25.78 15.98
CA ASP A 410 -3.57 26.82 16.70
C ASP A 410 -4.08 28.18 16.10
N PRO A 411 -4.72 29.06 16.92
CA PRO A 411 -5.27 30.33 16.38
C PRO A 411 -4.26 31.38 15.93
N THR A 412 -2.98 31.27 16.34
CA THR A 412 -1.90 32.14 15.89
C THR A 412 -1.44 31.74 14.48
N ARG A 413 -1.16 30.44 14.30
CA ARG A 413 -0.61 29.83 13.11
C ARG A 413 -1.67 29.61 12.04
N PHE A 414 -2.85 29.13 12.45
CA PHE A 414 -3.95 28.83 11.52
C PHE A 414 -5.26 29.46 11.99
N PRO A 415 -5.40 30.81 11.98
CA PRO A 415 -6.68 31.41 12.43
C PRO A 415 -7.89 31.14 11.53
N GLN A 416 -7.65 30.91 10.23
CA GLN A 416 -8.74 30.75 9.24
C GLN A 416 -8.59 29.49 8.40
N PRO A 417 -8.69 28.28 9.04
CA PRO A 417 -8.49 27.03 8.30
C PRO A 417 -9.35 26.86 7.04
N LEU A 418 -10.65 27.25 7.10
CA LEU A 418 -11.52 27.14 5.92
C LEU A 418 -11.03 27.97 4.77
N ASN A 419 -10.43 29.14 5.05
CA ASN A 419 -9.92 30.00 4.00
C ASN A 419 -8.65 29.44 3.37
N MET A 420 -7.81 28.83 4.20
CA MET A 420 -6.62 28.13 3.73
C MET A 420 -7.02 26.97 2.80
N LEU A 421 -7.99 26.17 3.22
CA LEU A 421 -8.55 25.05 2.46
C LEU A 421 -9.19 25.49 1.17
N GLU A 422 -9.89 26.64 1.20
CA GLU A 422 -10.47 27.23 0.01
C GLU A 422 -9.37 27.61 -0.98
N HIS A 423 -8.26 28.24 -0.52
CA HIS A 423 -7.11 28.62 -1.36
CA HIS A 423 -7.12 28.61 -1.37
C HIS A 423 -6.53 27.37 -2.01
N LEU A 424 -6.31 26.29 -1.21
CA LEU A 424 -5.79 25.04 -1.77
C LEU A 424 -6.80 24.43 -2.77
N ALA A 425 -8.12 24.50 -2.48
CA ALA A 425 -9.13 23.99 -3.41
C ALA A 425 -9.11 24.76 -4.73
N SER A 426 -8.79 26.07 -4.68
CA SER A 426 -8.72 26.86 -5.90
C SER A 426 -7.49 26.42 -6.78
N LYS A 427 -6.46 25.83 -6.17
CA LYS A 427 -5.29 25.27 -6.86
C LYS A 427 -5.53 23.77 -7.19
N ARG A 428 -6.72 23.25 -6.82
CA ARG A 428 -7.14 21.88 -7.01
C ARG A 428 -6.21 20.90 -6.25
N ARG A 429 -5.90 21.26 -5.00
CA ARG A 429 -5.03 20.52 -4.10
C ARG A 429 -5.78 20.23 -2.82
N LYS A 430 -5.21 19.31 -2.05
CA LYS A 430 -5.79 18.88 -0.80
C LYS A 430 -4.81 19.17 0.30
N LEU A 431 -5.31 19.00 1.53
CA LEU A 431 -4.51 19.08 2.71
C LEU A 431 -4.72 17.80 3.54
N VAL A 432 -3.70 17.41 4.29
CA VAL A 432 -3.81 16.35 5.27
C VAL A 432 -3.48 16.91 6.66
N ALA A 433 -4.31 16.59 7.65
CA ALA A 433 -4.08 16.97 9.02
C ALA A 433 -3.87 15.75 9.90
N ILE A 434 -2.91 15.83 10.79
CA ILE A 434 -2.61 14.78 11.75
C ILE A 434 -3.66 14.78 12.88
N VAL A 435 -4.14 13.56 13.22
CA VAL A 435 -5.12 13.29 14.27
C VAL A 435 -4.66 12.01 14.94
N ASP A 436 -4.12 12.13 16.15
CA ASP A 436 -3.59 10.98 16.86
C ASP A 436 -4.56 10.47 17.90
N PRO A 437 -4.39 9.18 18.32
CA PRO A 437 -5.31 8.61 19.32
C PRO A 437 -4.89 8.84 20.79
N HIS A 438 -4.38 10.01 21.11
CA HIS A 438 -4.10 10.36 22.50
C HIS A 438 -4.71 11.71 22.71
N ILE A 439 -5.45 11.83 23.80
CA ILE A 439 -6.26 12.99 24.08
C ILE A 439 -5.73 13.67 25.31
N LYS A 440 -5.37 14.96 25.20
CA LYS A 440 -4.88 15.71 26.35
C LYS A 440 -5.89 15.75 27.47
N VAL A 441 -5.47 15.38 28.70
CA VAL A 441 -6.32 15.44 29.90
C VAL A 441 -6.43 16.93 30.27
N ASP A 442 -7.49 17.56 29.81
CA ASP A 442 -7.71 18.98 29.97
C ASP A 442 -9.21 19.19 30.01
N SER A 443 -9.69 19.72 31.13
CA SER A 443 -11.12 19.92 31.30
C SER A 443 -11.74 20.97 30.35
N GLY A 444 -10.91 21.75 29.69
CA GLY A 444 -11.36 22.76 28.74
C GLY A 444 -11.44 22.23 27.32
N TYR A 445 -10.99 20.97 27.11
CA TYR A 445 -10.93 20.33 25.79
C TYR A 445 -12.13 19.43 25.63
N ARG A 446 -13.09 19.83 24.77
CA ARG A 446 -14.38 19.12 24.59
C ARG A 446 -14.25 17.63 24.26
N VAL A 447 -13.21 17.28 23.52
CA VAL A 447 -13.01 15.87 23.13
C VAL A 447 -12.71 15.07 24.38
N HIS A 448 -11.82 15.62 25.24
CA HIS A 448 -11.48 14.97 26.48
C HIS A 448 -12.72 14.86 27.36
N GLU A 449 -13.47 15.97 27.52
CA GLU A 449 -14.64 15.95 28.38
C GLU A 449 -15.67 14.91 27.95
N GLU A 450 -15.96 14.85 26.65
CA GLU A 450 -16.94 13.89 26.12
C GLU A 450 -16.50 12.44 26.33
N LEU A 451 -15.23 12.12 26.06
CA LEU A 451 -14.68 10.78 26.26
C LEU A 451 -14.61 10.36 27.73
N ARG A 452 -14.20 11.30 28.60
CA ARG A 452 -14.12 11.05 30.03
C ARG A 452 -15.54 10.75 30.54
N ASN A 453 -16.51 11.61 30.18
CA ASN A 453 -17.91 11.55 30.61
C ASN A 453 -18.64 10.31 30.15
N HIS A 454 -18.27 9.78 28.96
CA HIS A 454 -18.89 8.58 28.41
C HIS A 454 -18.10 7.30 28.70
N GLY A 455 -17.01 7.43 29.48
CA GLY A 455 -16.12 6.33 29.89
C GLY A 455 -15.51 5.59 28.73
N LEU A 456 -15.14 6.30 27.67
CA LEU A 456 -14.65 5.67 26.46
C LEU A 456 -13.14 5.51 26.39
N TYR A 457 -12.45 5.82 27.48
CA TYR A 457 -11.01 5.68 27.56
C TYR A 457 -10.61 4.28 27.97
N VAL A 458 -9.38 3.89 27.60
CA VAL A 458 -8.76 2.65 28.08
C VAL A 458 -8.58 2.82 29.63
N LYS A 459 -8.86 1.76 30.38
CA LYS A 459 -8.84 1.79 31.85
C LYS A 459 -7.68 1.01 32.44
N THR A 460 -7.35 1.28 33.72
CA THR A 460 -6.36 0.45 34.43
C THR A 460 -7.22 -0.59 35.15
N ARG A 461 -6.61 -1.55 35.85
CA ARG A 461 -7.39 -2.54 36.63
C ARG A 461 -8.30 -1.98 37.72
N ASP A 462 -7.92 -0.88 38.40
CA ASP A 462 -8.75 -0.28 39.44
C ASP A 462 -10.01 0.46 38.91
N GLY A 463 -10.18 0.51 37.58
CA GLY A 463 -11.33 1.14 36.93
C GLY A 463 -11.16 2.58 36.50
N SER A 464 -10.04 3.23 36.88
CA SER A 464 -9.84 4.61 36.47
C SER A 464 -9.23 4.71 35.04
N ASP A 465 -9.41 5.87 34.40
CA ASP A 465 -8.91 6.13 33.07
C ASP A 465 -7.39 6.13 33.06
N TYR A 466 -6.80 5.33 32.17
CA TYR A 466 -5.35 5.23 31.99
C TYR A 466 -4.82 6.58 31.57
N GLU A 467 -3.71 7.02 32.19
CA GLU A 467 -3.07 8.28 31.82
C GLU A 467 -1.61 8.04 31.56
N GLY A 468 -1.16 8.43 30.38
CA GLY A 468 0.23 8.32 30.04
C GLY A 468 0.82 9.70 29.91
N TRP A 469 2.09 9.75 29.58
CA TRP A 469 2.75 11.00 29.24
C TRP A 469 2.96 10.89 27.74
N CYS A 470 2.48 11.88 26.98
CA CYS A 470 2.53 11.83 25.51
C CYS A 470 2.74 13.23 24.87
N TRP A 471 2.57 13.38 23.52
CA TRP A 471 2.73 14.68 22.80
C TRP A 471 2.10 15.86 23.57
N PRO A 472 0.90 15.71 24.19
CA PRO A 472 0.33 16.82 24.97
C PRO A 472 0.47 16.67 26.51
N GLY A 473 1.50 15.96 27.00
CA GLY A 473 1.69 15.76 28.45
C GLY A 473 0.81 14.65 28.97
N SER A 474 0.03 14.86 30.10
CA SER A 474 -0.92 13.83 30.60
C SER A 474 -2.02 13.66 29.55
N ALA A 475 -2.11 12.45 29.02
CA ALA A 475 -3.04 12.09 27.95
C ALA A 475 -3.67 10.78 28.23
N SER A 476 -4.90 10.62 27.73
CA SER A 476 -5.63 9.35 27.81
C SER A 476 -5.84 8.78 26.43
N TYR A 477 -6.12 7.47 26.39
CA TYR A 477 -6.19 6.70 25.16
C TYR A 477 -7.58 6.19 24.92
N PRO A 478 -8.27 6.66 23.88
CA PRO A 478 -9.61 6.16 23.62
C PRO A 478 -9.56 4.65 23.31
N ASP A 479 -10.55 3.92 23.81
CA ASP A 479 -10.56 2.49 23.57
C ASP A 479 -11.18 2.19 22.20
N PHE A 480 -10.34 2.20 21.17
CA PHE A 480 -10.79 1.93 19.80
C PHE A 480 -11.32 0.48 19.58
N THR A 481 -11.12 -0.43 20.58
CA THR A 481 -11.68 -1.79 20.46
C THR A 481 -13.20 -1.75 20.70
N ASN A 482 -13.68 -0.67 21.33
CA ASN A 482 -15.10 -0.52 21.64
C ASN A 482 -15.84 -0.01 20.41
N PRO A 483 -16.85 -0.75 19.88
CA PRO A 483 -17.53 -0.28 18.66
C PRO A 483 -18.17 1.07 18.83
N ARG A 484 -18.60 1.41 20.04
CA ARG A 484 -19.25 2.71 20.31
C ARG A 484 -18.24 3.83 20.26
N MET A 485 -17.03 3.57 20.74
CA MET A 485 -15.93 4.54 20.70
CA MET A 485 -15.94 4.54 20.71
C MET A 485 -15.59 4.82 19.23
N ARG A 486 -15.51 3.77 18.38
CA ARG A 486 -15.23 3.96 16.94
C ARG A 486 -16.32 4.78 16.24
N ALA A 487 -17.62 4.57 16.61
CA ALA A 487 -18.75 5.34 16.09
C ALA A 487 -18.63 6.82 16.52
N TRP A 488 -18.26 7.07 17.78
CA TRP A 488 -18.06 8.40 18.32
C TRP A 488 -16.95 9.10 17.57
N TRP A 489 -15.82 8.39 17.37
CA TRP A 489 -14.68 8.92 16.63
C TRP A 489 -15.09 9.26 15.20
N SER A 490 -15.79 8.35 14.50
CA SER A 490 -16.27 8.56 13.14
CA SER A 490 -16.27 8.55 13.14
C SER A 490 -17.14 9.82 13.07
N ASN A 491 -18.06 9.96 14.01
CA ASN A 491 -18.95 11.10 14.09
C ASN A 491 -18.20 12.42 14.34
N MET A 492 -17.03 12.40 15.02
CA MET A 492 -16.20 13.60 15.27
C MET A 492 -15.66 14.25 13.98
N PHE A 493 -15.59 13.48 12.89
CA PHE A 493 -15.15 13.96 11.58
C PHE A 493 -16.23 14.68 10.77
N SER A 494 -17.46 14.80 11.30
CA SER A 494 -18.50 15.56 10.59
C SER A 494 -18.03 17.00 10.52
N PHE A 495 -18.45 17.70 9.45
CA PHE A 495 -17.99 19.08 9.27
C PHE A 495 -18.46 19.97 10.40
N ASP A 496 -19.58 19.63 11.03
CA ASP A 496 -20.10 20.32 12.20
C ASP A 496 -19.23 20.10 13.45
N ASN A 497 -18.73 18.88 13.65
CA ASN A 497 -17.94 18.55 14.82
C ASN A 497 -16.50 18.93 14.68
N TYR A 498 -15.91 18.69 13.51
CA TYR A 498 -14.52 19.05 13.26
C TYR A 498 -14.49 20.42 12.60
N GLU A 499 -14.61 21.47 13.41
CA GLU A 499 -14.63 22.84 12.94
C GLU A 499 -13.34 23.21 12.20
N GLY A 500 -13.51 23.81 11.04
CA GLY A 500 -12.41 24.19 10.18
C GLY A 500 -12.06 23.16 9.13
N SER A 501 -12.70 21.98 9.14
CA SER A 501 -12.44 20.95 8.14
C SER A 501 -13.37 21.15 6.96
N ALA A 502 -12.95 20.65 5.80
CA ALA A 502 -13.66 20.75 4.55
C ALA A 502 -13.41 19.47 3.75
N PRO A 503 -14.18 19.27 2.65
CA PRO A 503 -14.04 18.04 1.85
C PRO A 503 -12.63 17.79 1.30
N ASN A 504 -11.78 18.83 1.22
CA ASN A 504 -10.41 18.63 0.72
C ASN A 504 -9.38 18.45 1.82
N LEU A 505 -9.86 18.21 3.07
CA LEU A 505 -9.01 17.93 4.23
CA LEU A 505 -9.00 17.93 4.21
C LEU A 505 -9.09 16.43 4.50
N TYR A 506 -7.93 15.75 4.47
CA TYR A 506 -7.82 14.33 4.76
C TYR A 506 -6.97 14.12 6.01
N VAL A 507 -6.74 12.87 6.42
CA VAL A 507 -6.20 12.63 7.76
C VAL A 507 -5.04 11.66 7.85
N TRP A 508 -4.17 11.95 8.82
CA TRP A 508 -3.04 11.11 9.12
C TRP A 508 -3.14 10.67 10.57
N ASN A 509 -3.17 9.35 10.79
CA ASN A 509 -3.15 8.71 12.10
C ASN A 509 -1.74 8.28 12.42
N ASP A 510 -1.16 8.92 13.39
CA ASP A 510 0.20 8.63 13.84
C ASP A 510 0.14 8.13 15.27
N MET A 511 1.24 7.52 15.74
CA MET A 511 1.41 7.11 17.13
C MET A 511 0.26 6.21 17.64
N ASN A 512 -0.31 5.43 16.70
CA ASN A 512 -1.45 4.57 16.97
C ASN A 512 -1.08 3.12 17.32
N GLU A 513 0.17 2.89 17.78
CA GLU A 513 0.60 1.57 18.24
C GLU A 513 -0.19 1.03 19.45
N PRO A 514 -0.56 1.78 20.52
CA PRO A 514 -0.36 3.24 20.75
C PRO A 514 1.01 3.55 21.31
N SER A 515 1.52 4.69 20.95
CA SER A 515 2.80 5.21 21.45
C SER A 515 2.46 5.98 22.73
N VAL A 516 3.03 5.55 23.87
CA VAL A 516 2.80 6.09 25.22
C VAL A 516 4.20 6.45 25.76
N PHE A 517 4.60 7.75 25.78
CA PHE A 517 5.99 8.15 26.09
C PHE A 517 6.58 7.59 27.39
N ASN A 518 5.78 7.53 28.45
CA ASN A 518 6.23 7.00 29.74
C ASN A 518 5.97 5.47 29.91
N GLY A 519 5.50 4.77 28.86
CA GLY A 519 5.11 3.37 28.95
C GLY A 519 6.20 2.38 28.69
N PRO A 520 5.95 1.08 29.06
CA PRO A 520 6.95 0.02 28.81
C PRO A 520 7.08 -0.14 27.32
N GLU A 521 8.30 0.01 26.78
CA GLU A 521 8.57 -0.09 25.36
C GLU A 521 7.85 0.99 24.60
N VAL A 522 7.57 2.10 25.28
CA VAL A 522 6.90 3.26 24.70
C VAL A 522 5.46 2.89 24.27
N THR A 523 4.84 1.95 24.95
CA THR A 523 3.46 1.61 24.64
C THR A 523 2.66 1.44 25.95
N MET A 524 1.43 0.95 25.78
CA MET A 524 0.44 0.71 26.83
CA MET A 524 0.46 0.74 26.86
C MET A 524 0.83 -0.46 27.72
N LEU A 525 0.55 -0.35 29.01
CA LEU A 525 0.77 -1.44 29.98
C LEU A 525 -0.01 -2.65 29.49
N LYS A 526 0.53 -3.87 29.67
CA LYS A 526 -0.12 -5.12 29.24
C LYS A 526 -1.44 -5.36 29.94
N ASP A 527 -1.55 -4.88 31.19
CA ASP A 527 -2.70 -5.13 32.07
C ASP A 527 -3.71 -4.02 32.08
N ALA A 528 -3.64 -3.08 31.09
CA ALA A 528 -4.68 -2.11 30.93
C ALA A 528 -5.92 -2.89 30.40
N VAL A 529 -7.12 -2.36 30.61
CA VAL A 529 -8.36 -3.05 30.34
C VAL A 529 -9.14 -2.38 29.25
N HIS A 530 -9.65 -3.18 28.34
CA HIS A 530 -10.42 -2.77 27.20
C HIS A 530 -11.85 -3.31 27.22
N TYR A 531 -12.64 -2.92 26.20
CA TYR A 531 -14.01 -3.32 25.96
C TYR A 531 -14.15 -4.85 26.14
N GLY A 532 -15.19 -5.25 26.86
CA GLY A 532 -15.47 -6.66 27.10
C GLY A 532 -14.66 -7.25 28.23
N GLY A 533 -13.78 -6.43 28.81
CA GLY A 533 -12.87 -6.81 29.90
C GLY A 533 -11.57 -7.43 29.45
N TRP A 534 -11.30 -7.42 28.15
CA TRP A 534 -10.06 -7.96 27.61
C TRP A 534 -8.88 -7.09 28.05
N GLU A 535 -7.73 -7.73 28.26
CA GLU A 535 -6.53 -6.97 28.62
C GLU A 535 -5.89 -6.41 27.36
N HIS A 536 -5.09 -5.34 27.56
CA HIS A 536 -4.32 -4.79 26.45
C HIS A 536 -3.49 -5.86 25.77
N ARG A 537 -2.90 -6.79 26.54
CA ARG A 537 -2.08 -7.85 25.98
C ARG A 537 -2.86 -8.66 24.95
N ASP A 538 -4.18 -8.80 25.11
CA ASP A 538 -4.96 -9.62 24.19
C ASP A 538 -5.16 -8.96 22.83
N ILE A 539 -5.28 -7.64 22.83
CA ILE A 539 -5.69 -6.89 21.66
C ILE A 539 -4.63 -6.01 21.02
N HIS A 540 -3.45 -5.89 21.64
CA HIS A 540 -2.46 -4.89 21.25
C HIS A 540 -2.32 -4.63 19.73
N ASN A 541 -2.07 -5.66 18.95
CA ASN A 541 -1.75 -5.46 17.53
C ASN A 541 -2.94 -5.01 16.65
N ILE A 542 -4.17 -4.97 17.17
CA ILE A 542 -5.29 -4.45 16.37
C ILE A 542 -5.71 -3.05 16.83
N TYR A 543 -5.08 -2.48 17.86
CA TYR A 543 -5.45 -1.13 18.31
C TYR A 543 -5.34 -0.16 17.15
N GLY A 544 -4.18 -0.16 16.51
CA GLY A 544 -3.89 0.75 15.40
C GLY A 544 -4.84 0.66 14.25
N LEU A 545 -5.15 -0.59 13.85
CA LEU A 545 -6.10 -0.88 12.79
C LEU A 545 -7.47 -0.24 13.11
N TYR A 546 -7.91 -0.34 14.37
CA TYR A 546 -9.20 0.19 14.71
C TYR A 546 -9.23 1.72 14.61
N VAL A 547 -8.10 2.36 14.91
CA VAL A 547 -7.98 3.82 14.79
C VAL A 547 -8.13 4.18 13.31
N HIS A 548 -7.41 3.47 12.47
CA HIS A 548 -7.40 3.64 11.01
C HIS A 548 -8.80 3.43 10.42
N MET A 549 -9.47 2.35 10.85
CA MET A 549 -10.85 1.97 10.46
C MET A 549 -11.83 3.09 10.82
N ALA A 550 -11.77 3.55 12.07
CA ALA A 550 -12.70 4.57 12.54
C ALA A 550 -12.49 5.90 11.86
N THR A 551 -11.25 6.24 11.58
CA THR A 551 -10.91 7.49 10.88
C THR A 551 -11.44 7.44 9.45
N ALA A 552 -11.14 6.33 8.72
CA ALA A 552 -11.67 6.14 7.36
C ALA A 552 -13.22 6.19 7.33
N ASP A 553 -13.89 5.55 8.30
CA ASP A 553 -15.35 5.61 8.36
CA ASP A 553 -15.35 5.57 8.44
C ASP A 553 -15.82 7.03 8.61
N GLY A 554 -15.06 7.80 9.41
CA GLY A 554 -15.39 9.20 9.65
C GLY A 554 -15.40 10.02 8.38
N LEU A 555 -14.39 9.83 7.51
CA LEU A 555 -14.29 10.58 6.25
C LEU A 555 -15.37 10.17 5.27
N ILE A 556 -15.74 8.90 5.28
CA ILE A 556 -16.86 8.42 4.46
C ILE A 556 -18.17 9.05 4.96
N GLN A 557 -18.45 8.92 6.25
CA GLN A 557 -19.69 9.38 6.84
C GLN A 557 -19.93 10.88 6.70
N ARG A 558 -18.87 11.69 6.90
CA ARG A 558 -19.00 13.14 6.81
C ARG A 558 -19.50 13.59 5.44
N SER A 559 -19.33 12.77 4.40
CA SER A 559 -19.77 13.12 3.05
C SER A 559 -21.13 12.49 2.71
N GLY A 560 -21.79 11.87 3.65
CA GLY A 560 -23.03 11.16 3.42
C GLY A 560 -22.81 9.86 2.68
N GLY A 561 -21.63 9.27 2.87
CA GLY A 561 -21.26 7.99 2.28
C GLY A 561 -20.81 8.00 0.84
N ILE A 562 -20.57 9.18 0.28
CA ILE A 562 -20.21 9.34 -1.13
C ILE A 562 -18.71 9.35 -1.43
N GLU A 563 -17.93 10.04 -0.61
CA GLU A 563 -16.51 10.25 -0.85
C GLU A 563 -15.63 9.17 -0.32
N ARG A 564 -14.64 8.74 -1.12
CA ARG A 564 -13.70 7.72 -0.67
C ARG A 564 -12.74 8.37 0.31
N PRO A 565 -12.33 7.63 1.33
CA PRO A 565 -11.43 8.22 2.35
C PRO A 565 -9.96 8.27 1.94
N PHE A 566 -9.15 9.08 2.64
CA PHE A 566 -7.72 8.96 2.56
C PHE A 566 -7.20 9.11 3.96
N VAL A 567 -6.66 8.00 4.47
CA VAL A 567 -6.06 7.98 5.77
C VAL A 567 -4.72 7.26 5.73
N LEU A 568 -3.67 7.93 6.22
CA LEU A 568 -2.34 7.32 6.40
C LEU A 568 -2.23 6.88 7.85
N SER A 569 -1.82 5.62 8.08
CA SER A 569 -1.67 5.04 9.42
C SER A 569 -0.27 4.52 9.64
N ARG A 570 0.30 4.72 10.85
CA ARG A 570 1.61 4.16 11.18
C ARG A 570 1.51 2.67 11.57
N ALA A 571 0.61 2.36 12.51
CA ALA A 571 0.38 1.02 13.00
C ALA A 571 -0.65 0.30 12.13
N PHE A 572 -0.56 -1.03 12.11
CA PHE A 572 -1.44 -1.81 11.26
C PHE A 572 -1.37 -3.25 11.63
N PHE A 573 -2.31 -3.99 11.06
CA PHE A 573 -2.48 -5.43 11.24
C PHE A 573 -3.06 -6.00 9.95
N SER A 574 -3.23 -7.35 9.89
CA SER A 574 -3.97 -8.01 8.81
C SER A 574 -5.33 -7.26 8.70
N GLY A 575 -5.76 -6.97 7.49
CA GLY A 575 -7.00 -6.22 7.28
C GLY A 575 -6.82 -4.72 7.12
N SER A 576 -5.64 -4.17 7.51
CA SER A 576 -5.39 -2.72 7.39
C SER A 576 -5.45 -2.20 5.97
N GLN A 577 -5.27 -3.10 4.99
CA GLN A 577 -5.36 -2.70 3.59
C GLN A 577 -6.70 -2.09 3.27
N ARG A 578 -7.74 -2.47 4.04
CA ARG A 578 -9.10 -2.01 3.80
C ARG A 578 -9.33 -0.52 4.12
N PHE A 579 -8.34 0.14 4.78
CA PHE A 579 -8.56 1.48 5.32
C PHE A 579 -7.67 2.60 4.79
N GLY A 580 -6.74 2.29 3.91
CA GLY A 580 -5.94 3.36 3.36
C GLY A 580 -4.50 2.97 3.17
N ALA A 581 -3.60 3.93 3.51
CA ALA A 581 -2.17 3.80 3.31
C ALA A 581 -1.43 3.62 4.62
N VAL A 582 -0.21 3.11 4.54
CA VAL A 582 0.70 2.97 5.66
C VAL A 582 2.09 3.44 5.16
N TRP A 583 2.97 3.82 6.08
CA TRP A 583 4.33 4.14 5.73
C TRP A 583 5.29 3.51 6.74
N THR A 584 6.58 3.42 6.39
CA THR A 584 7.57 2.72 7.21
C THR A 584 8.11 3.51 8.39
N GLY A 585 7.38 4.54 8.79
CA GLY A 585 7.72 5.30 9.97
C GLY A 585 8.95 6.18 9.92
N ASP A 586 9.64 6.30 11.06
CA ASP A 586 10.73 7.26 11.18
C ASP A 586 12.05 6.68 10.74
N ASN A 587 12.25 6.74 9.43
CA ASN A 587 13.49 6.31 8.82
C ASN A 587 14.55 7.44 8.94
N THR A 588 15.71 7.24 8.35
CA THR A 588 16.81 8.18 8.41
C THR A 588 17.31 8.54 7.02
N ALA A 589 17.79 9.77 6.88
CA ALA A 589 18.34 10.31 5.65
C ALA A 589 19.72 9.70 5.32
N GLU A 590 19.74 8.40 4.98
CA GLU A 590 20.95 7.64 4.66
C GLU A 590 20.68 6.69 3.50
N TRP A 591 21.72 6.39 2.72
CA TRP A 591 21.62 5.52 1.55
C TRP A 591 21.06 4.15 1.85
N ASP A 592 21.47 3.54 2.97
CA ASP A 592 20.97 2.21 3.30
CA ASP A 592 20.99 2.22 3.35
C ASP A 592 19.47 2.22 3.67
N HIS A 593 18.92 3.36 4.15
CA HIS A 593 17.48 3.43 4.43
C HIS A 593 16.77 3.62 3.12
N LEU A 594 17.38 4.35 2.16
CA LEU A 594 16.81 4.44 0.81
C LEU A 594 16.67 3.05 0.22
N LYS A 595 17.72 2.24 0.36
CA LYS A 595 17.69 0.89 -0.16
C LYS A 595 16.59 0.07 0.46
N ILE A 596 16.46 0.14 1.80
CA ILE A 596 15.56 -0.74 2.52
C ILE A 596 14.08 -0.46 2.24
N SER A 597 13.75 0.69 1.67
CA SER A 597 12.39 1.02 1.33
C SER A 597 11.77 -0.05 0.40
N ILE A 598 12.61 -0.67 -0.49
CA ILE A 598 12.10 -1.69 -1.40
C ILE A 598 11.70 -2.94 -0.66
N PRO A 599 12.63 -3.64 0.05
CA PRO A 599 12.20 -4.84 0.79
C PRO A 599 11.11 -4.60 1.83
N MET A 600 11.05 -3.42 2.49
CA MET A 600 10.01 -3.15 3.46
C MET A 600 8.64 -3.05 2.79
N CYS A 601 8.53 -2.30 1.69
CA CYS A 601 7.25 -2.18 1.00
C CYS A 601 6.86 -3.43 0.24
N LEU A 602 7.83 -4.22 -0.21
CA LEU A 602 7.53 -5.51 -0.86
C LEU A 602 7.00 -6.52 0.16
N SER A 603 7.56 -6.52 1.39
CA SER A 603 7.11 -7.42 2.46
C SER A 603 5.65 -7.08 2.79
N LEU A 604 5.29 -5.77 2.75
CA LEU A 604 3.93 -5.29 2.95
C LEU A 604 3.02 -5.67 1.81
N ALA A 605 3.49 -5.53 0.59
CA ALA A 605 2.72 -5.88 -0.61
C ALA A 605 2.34 -7.32 -0.62
N LEU A 606 3.26 -8.22 -0.24
CA LEU A 606 3.02 -9.65 -0.23
C LEU A 606 1.89 -10.06 0.69
N VAL A 607 1.70 -9.29 1.77
CA VAL A 607 0.68 -9.58 2.77
C VAL A 607 -0.56 -8.65 2.68
N GLY A 608 -0.79 -8.09 1.51
CA GLY A 608 -1.99 -7.34 1.18
C GLY A 608 -1.98 -5.83 1.31
N LEU A 609 -0.91 -5.27 1.89
CA LEU A 609 -0.78 -3.84 2.11
C LEU A 609 -0.02 -3.19 0.95
N SER A 610 -0.78 -2.94 -0.10
CA SER A 610 -0.29 -2.39 -1.36
C SER A 610 0.03 -0.91 -1.31
N PHE A 611 -0.55 -0.17 -0.36
CA PHE A 611 -0.38 1.28 -0.34
C PHE A 611 0.63 1.67 0.72
N CYS A 612 1.87 1.41 0.39
CA CYS A 612 3.04 1.53 1.24
C CYS A 612 3.99 2.56 0.68
N GLY A 613 4.74 3.21 1.56
CA GLY A 613 5.79 4.10 1.17
C GLY A 613 6.73 4.34 2.31
N ALA A 614 7.80 5.06 2.04
CA ALA A 614 8.78 5.49 3.05
C ALA A 614 9.00 6.99 2.84
N ASP A 615 9.26 7.75 3.92
CA ASP A 615 9.49 9.20 3.82
C ASP A 615 10.59 9.52 2.87
N VAL A 616 10.26 10.29 1.85
CA VAL A 616 11.20 10.64 0.82
C VAL A 616 12.20 11.68 1.40
N GLY A 617 13.46 11.32 1.33
CA GLY A 617 14.56 12.11 1.87
C GLY A 617 15.00 11.57 3.22
N GLY A 618 14.16 10.72 3.83
CA GLY A 618 14.38 10.20 5.17
C GLY A 618 13.81 11.18 6.19
N PHE A 619 13.27 10.65 7.29
CA PHE A 619 12.69 11.47 8.35
C PHE A 619 13.77 12.20 9.14
N PHE A 620 14.69 11.45 9.77
CA PHE A 620 15.74 12.01 10.60
C PHE A 620 16.91 12.46 9.77
N LYS A 621 17.58 13.56 10.20
CA LYS A 621 18.80 14.09 9.59
C LYS A 621 18.59 14.79 8.20
N ASN A 622 19.67 15.36 7.67
CA ASN A 622 19.65 16.10 6.43
C ASN A 622 20.29 15.32 5.32
N PRO A 623 19.52 14.98 4.26
CA PRO A 623 20.11 14.23 3.16
C PRO A 623 20.95 15.13 2.28
N GLU A 624 22.04 14.61 1.75
CA GLU A 624 22.83 15.34 0.76
C GLU A 624 21.93 15.48 -0.51
N PRO A 625 22.09 16.56 -1.33
CA PRO A 625 21.22 16.76 -2.51
C PRO A 625 21.06 15.55 -3.42
N GLU A 626 22.18 14.83 -3.66
CA GLU A 626 22.19 13.65 -4.51
C GLU A 626 21.31 12.54 -3.92
N LEU A 627 21.34 12.37 -2.59
CA LEU A 627 20.50 11.37 -1.95
C LEU A 627 19.05 11.77 -2.07
N LEU A 628 18.76 13.06 -1.86
CA LEU A 628 17.39 13.52 -1.97
C LEU A 628 16.82 13.25 -3.37
N VAL A 629 17.63 13.50 -4.42
CA VAL A 629 17.22 13.23 -5.80
C VAL A 629 16.90 11.76 -5.98
N ARG A 630 17.83 10.87 -5.58
CA ARG A 630 17.62 9.43 -5.72
C ARG A 630 16.39 8.98 -4.94
N TRP A 631 16.11 9.63 -3.80
CA TRP A 631 14.94 9.31 -3.02
C TRP A 631 13.64 9.74 -3.72
N TYR A 632 13.63 10.90 -4.37
CA TYR A 632 12.44 11.30 -5.16
C TYR A 632 12.18 10.28 -6.29
N GLN A 633 13.24 9.78 -6.94
CA GLN A 633 13.16 8.83 -8.04
C GLN A 633 12.63 7.50 -7.55
N MET A 634 13.06 7.06 -6.37
CA MET A 634 12.63 5.81 -5.76
C MET A 634 11.18 5.94 -5.37
N GLY A 635 10.85 7.04 -4.69
CA GLY A 635 9.51 7.30 -4.19
C GLY A 635 8.52 7.46 -5.31
N ALA A 636 8.97 8.02 -6.45
CA ALA A 636 8.12 8.22 -7.64
C ALA A 636 7.64 6.92 -8.21
N TYR A 637 8.33 5.81 -7.90
CA TYR A 637 7.94 4.50 -8.36
C TYR A 637 7.46 3.58 -7.23
N GLN A 638 7.14 4.15 -6.05
CA GLN A 638 6.54 3.41 -4.93
C GLN A 638 5.11 3.89 -4.68
N PRO A 639 4.23 3.01 -4.12
CA PRO A 639 2.80 3.35 -4.05
C PRO A 639 2.43 4.64 -3.30
N PHE A 640 2.93 4.82 -2.07
CA PHE A 640 2.65 6.03 -1.31
C PHE A 640 3.88 6.93 -1.41
N PHE A 641 3.71 8.14 -2.01
CA PHE A 641 4.79 9.05 -2.37
C PHE A 641 4.72 10.37 -1.64
N ARG A 642 5.43 10.40 -0.50
CA ARG A 642 5.47 11.53 0.41
C ARG A 642 6.87 11.88 0.87
N ALA A 643 7.20 13.16 0.74
CA ALA A 643 8.43 13.72 1.31
C ALA A 643 8.03 14.20 2.66
N HIS A 644 8.83 13.88 3.67
CA HIS A 644 8.57 14.23 5.06
C HIS A 644 9.90 14.32 5.78
N ALA A 645 9.94 15.08 6.87
CA ALA A 645 11.17 15.39 7.59
C ALA A 645 10.88 15.74 9.05
N HIS A 646 11.80 15.34 9.94
CA HIS A 646 11.77 15.61 11.38
C HIS A 646 11.90 17.14 11.71
N LEU A 647 11.44 17.55 12.90
CA LEU A 647 11.40 18.94 13.38
C LEU A 647 12.71 19.70 13.24
N ASP A 648 13.83 19.02 13.47
CA ASP A 648 15.13 19.65 13.51
C ASP A 648 15.91 19.66 12.19
N THR A 649 15.28 19.20 11.11
CA THR A 649 15.94 19.16 9.81
C THR A 649 15.80 20.49 9.11
N GLY A 650 16.72 20.75 8.17
CA GLY A 650 16.65 21.89 7.28
C GLY A 650 15.49 21.73 6.30
N ARG A 651 14.98 22.85 5.80
CA ARG A 651 13.89 22.84 4.83
C ARG A 651 14.33 22.16 3.56
N ARG A 652 13.51 21.23 3.04
CA ARG A 652 13.91 20.52 1.83
C ARG A 652 12.86 20.45 0.73
N GLU A 653 12.06 21.51 0.58
CA GLU A 653 11.14 21.60 -0.53
C GLU A 653 12.04 21.57 -1.77
N PRO A 654 11.60 20.89 -2.84
CA PRO A 654 12.54 20.55 -3.91
C PRO A 654 13.13 21.71 -4.69
N TRP A 655 12.46 22.85 -4.72
CA TRP A 655 13.03 24.03 -5.37
C TRP A 655 14.11 24.76 -4.56
N LEU A 656 14.45 24.30 -3.33
CA LEU A 656 15.50 24.96 -2.55
C LEU A 656 16.87 24.48 -2.97
N LEU A 657 16.91 23.46 -3.79
CA LEU A 657 18.16 22.91 -4.27
C LEU A 657 18.69 23.58 -5.53
N ALA A 658 19.97 23.34 -5.83
CA ALA A 658 20.60 23.85 -7.04
C ALA A 658 19.86 23.26 -8.25
N SER A 659 19.85 24.02 -9.34
CA SER A 659 19.06 23.71 -10.53
C SER A 659 19.21 22.28 -11.09
N GLN A 660 20.41 21.65 -11.06
CA GLN A 660 20.54 20.27 -11.59
C GLN A 660 19.72 19.28 -10.77
N TYR A 661 19.65 19.53 -9.46
CA TYR A 661 18.90 18.68 -8.54
C TYR A 661 17.42 18.95 -8.69
N GLN A 662 17.03 20.22 -8.79
CA GLN A 662 15.62 20.55 -9.03
C GLN A 662 15.11 19.88 -10.33
N ASP A 663 15.94 19.89 -11.38
CA ASP A 663 15.56 19.33 -12.68
C ASP A 663 15.34 17.86 -12.64
N ALA A 664 16.18 17.15 -11.92
CA ALA A 664 16.06 15.71 -11.81
C ALA A 664 14.81 15.37 -11.01
N ILE A 665 14.51 16.18 -10.00
CA ILE A 665 13.33 15.95 -9.17
C ILE A 665 12.08 16.20 -9.96
N ARG A 666 12.08 17.29 -10.72
CA ARG A 666 10.93 17.64 -11.58
C ARG A 666 10.67 16.51 -12.58
N ASP A 667 11.73 15.95 -13.15
CA ASP A 667 11.64 14.82 -14.07
C ASP A 667 10.96 13.61 -13.39
N ALA A 668 11.38 13.31 -12.15
CA ALA A 668 10.80 12.20 -11.41
C ALA A 668 9.31 12.42 -11.20
N LEU A 669 8.94 13.64 -10.76
CA LEU A 669 7.54 13.99 -10.50
C LEU A 669 6.68 13.89 -11.78
N PHE A 670 7.21 14.37 -12.90
CA PHE A 670 6.53 14.28 -14.20
C PHE A 670 6.25 12.81 -14.57
N GLN A 671 7.27 11.92 -14.38
CA GLN A 671 7.13 10.49 -14.64
C GLN A 671 6.01 9.88 -13.82
N ARG A 672 5.95 10.22 -12.53
CA ARG A 672 4.91 9.73 -11.64
C ARG A 672 3.52 10.21 -12.09
N TYR A 673 3.37 11.54 -12.31
CA TYR A 673 2.11 12.11 -12.71
C TYR A 673 1.63 11.54 -14.04
N SER A 674 2.55 11.33 -14.99
CA SER A 674 2.18 10.77 -16.29
C SER A 674 1.68 9.35 -16.17
N LEU A 675 2.21 8.62 -15.17
CA LEU A 675 1.82 7.24 -14.95
C LEU A 675 0.60 7.07 -14.07
N LEU A 676 -0.06 8.17 -13.65
CA LEU A 676 -1.23 8.03 -12.77
C LEU A 676 -2.31 7.08 -13.28
N PRO A 677 -2.65 7.06 -14.60
CA PRO A 677 -3.64 6.08 -15.08
C PRO A 677 -3.21 4.64 -14.83
N PHE A 678 -1.91 4.36 -14.97
CA PHE A 678 -1.34 3.05 -14.72
C PHE A 678 -1.42 2.69 -13.22
N TRP A 679 -0.98 3.60 -12.35
CA TRP A 679 -1.05 3.40 -10.92
C TRP A 679 -2.47 3.14 -10.50
N TYR A 680 -3.40 3.96 -11.00
CA TYR A 680 -4.82 3.86 -10.66
C TYR A 680 -5.40 2.50 -11.05
N THR A 681 -5.05 2.00 -12.26
CA THR A 681 -5.48 0.70 -12.74
C THR A 681 -4.90 -0.44 -11.89
N LEU A 682 -3.61 -0.34 -11.52
CA LEU A 682 -3.03 -1.34 -10.63
C LEU A 682 -3.76 -1.36 -9.28
N PHE A 683 -4.13 -0.18 -8.75
CA PHE A 683 -4.87 -0.14 -7.48
C PHE A 683 -6.29 -0.69 -7.59
N TYR A 684 -6.93 -0.49 -8.76
CA TYR A 684 -8.24 -1.09 -9.00
C TYR A 684 -8.11 -2.63 -9.05
N GLN A 685 -7.07 -3.13 -9.69
CA GLN A 685 -6.80 -4.58 -9.73
C GLN A 685 -6.53 -5.13 -8.34
N ALA A 686 -5.85 -4.36 -7.48
CA ALA A 686 -5.61 -4.79 -6.11
C ALA A 686 -6.93 -4.83 -5.35
N HIS A 687 -7.76 -3.81 -5.54
CA HIS A 687 -9.04 -3.69 -4.87
C HIS A 687 -9.97 -4.81 -5.31
N LYS A 688 -9.96 -5.14 -6.58
CA LYS A 688 -10.87 -6.17 -7.06
C LYS A 688 -10.40 -7.60 -6.79
N GLU A 689 -9.06 -7.86 -6.98
CA GLU A 689 -8.50 -9.22 -6.93
C GLU A 689 -7.62 -9.54 -5.74
N GLY A 690 -7.08 -8.50 -5.12
CA GLY A 690 -6.16 -8.66 -4.01
C GLY A 690 -4.72 -8.89 -4.43
N PHE A 691 -4.39 -8.53 -5.69
CA PHE A 691 -3.03 -8.69 -6.17
C PHE A 691 -2.21 -7.46 -5.81
N PRO A 692 -0.95 -7.65 -5.45
CA PRO A 692 -0.14 -6.50 -5.03
C PRO A 692 0.22 -5.58 -6.17
N VAL A 693 0.32 -4.29 -5.86
CA VAL A 693 0.68 -3.28 -6.84
C VAL A 693 2.19 -3.36 -7.15
N MET A 694 3.03 -3.26 -6.09
CA MET A 694 4.48 -3.34 -6.17
C MET A 694 4.81 -4.84 -5.90
N ARG A 695 5.60 -5.44 -6.77
CA ARG A 695 5.83 -6.87 -6.71
C ARG A 695 7.27 -7.27 -6.74
N PRO A 696 7.65 -8.33 -5.98
CA PRO A 696 9.01 -8.84 -6.16
C PRO A 696 9.07 -9.52 -7.54
N LEU A 697 10.24 -9.58 -8.17
CA LEU A 697 10.37 -10.22 -9.48
C LEU A 697 9.97 -11.69 -9.46
N TRP A 698 10.14 -12.37 -8.32
CA TRP A 698 9.78 -13.78 -8.26
C TRP A 698 8.29 -14.03 -8.40
N VAL A 699 7.46 -13.00 -8.15
CA VAL A 699 6.02 -13.12 -8.33
C VAL A 699 5.69 -13.28 -9.83
N GLN A 700 6.41 -12.55 -10.71
CA GLN A 700 6.17 -12.67 -12.15
CA GLN A 700 6.17 -12.64 -12.16
C GLN A 700 7.03 -13.77 -12.77
N TYR A 701 8.13 -14.18 -12.09
CA TYR A 701 9.03 -15.24 -12.59
C TYR A 701 9.20 -16.32 -11.54
N PRO A 702 8.11 -17.05 -11.24
CA PRO A 702 8.17 -18.01 -10.13
C PRO A 702 9.18 -19.13 -10.28
N GLU A 703 9.55 -19.48 -11.51
CA GLU A 703 10.51 -20.54 -11.78
C GLU A 703 11.93 -20.05 -11.91
N ASP A 704 12.14 -18.74 -11.83
CA ASP A 704 13.50 -18.25 -11.97
C ASP A 704 14.11 -18.10 -10.58
N MET A 705 14.89 -19.10 -10.17
CA MET A 705 15.50 -19.17 -8.84
C MET A 705 16.43 -18.01 -8.52
N SER A 706 17.03 -17.39 -9.53
CA SER A 706 17.93 -16.26 -9.32
C SER A 706 17.15 -14.98 -8.89
N THR A 707 15.80 -14.97 -8.99
CA THR A 707 14.97 -13.81 -8.60
C THR A 707 14.48 -13.85 -7.14
N PHE A 708 14.61 -15.00 -6.49
CA PHE A 708 13.98 -15.27 -5.20
C PHE A 708 14.37 -14.32 -4.08
N SER A 709 15.56 -13.73 -4.13
CA SER A 709 16.01 -12.84 -3.06
C SER A 709 16.19 -11.39 -3.52
N ILE A 710 15.91 -11.12 -4.79
CA ILE A 710 16.12 -9.79 -5.34
C ILE A 710 15.32 -8.74 -4.60
N GLU A 711 16.02 -7.72 -4.10
CA GLU A 711 15.37 -6.61 -3.41
C GLU A 711 15.91 -5.24 -3.82
N ASP A 712 16.74 -5.16 -4.87
CA ASP A 712 17.25 -3.88 -5.39
C ASP A 712 16.49 -3.45 -6.68
N GLN A 713 15.45 -4.24 -7.01
CA GLN A 713 14.52 -4.03 -8.13
C GLN A 713 13.18 -4.56 -7.74
N PHE A 714 12.17 -4.09 -8.47
CA PHE A 714 10.79 -4.51 -8.31
C PHE A 714 9.98 -4.26 -9.57
N MET A 715 8.81 -4.87 -9.61
CA MET A 715 7.89 -4.66 -10.70
C MET A 715 6.64 -3.93 -10.26
N LEU A 716 6.06 -3.14 -11.16
CA LEU A 716 4.76 -2.52 -10.94
C LEU A 716 3.83 -3.28 -11.88
N GLY A 717 2.91 -4.04 -11.31
CA GLY A 717 2.06 -4.97 -12.04
C GLY A 717 2.94 -5.97 -12.76
N ASP A 718 2.60 -6.28 -14.00
CA ASP A 718 3.39 -7.16 -14.86
C ASP A 718 4.10 -6.34 -15.97
N ALA A 719 4.05 -5.01 -15.91
CA ALA A 719 4.49 -4.17 -17.03
C ALA A 719 5.78 -3.37 -16.88
N LEU A 720 6.11 -2.90 -15.66
CA LEU A 720 7.30 -2.07 -15.46
C LEU A 720 8.24 -2.69 -14.48
N LEU A 721 9.53 -2.70 -14.84
CA LEU A 721 10.56 -3.23 -13.95
C LEU A 721 11.38 -2.03 -13.63
N ILE A 722 11.59 -1.81 -12.34
CA ILE A 722 12.28 -0.63 -11.83
C ILE A 722 13.53 -1.03 -11.06
N HIS A 723 14.68 -0.41 -11.36
CA HIS A 723 15.92 -0.61 -10.61
C HIS A 723 16.42 0.79 -10.24
N PRO A 724 15.85 1.42 -9.19
CA PRO A 724 16.27 2.78 -8.86
C PRO A 724 17.72 2.88 -8.46
N VAL A 725 18.37 4.02 -8.76
CA VAL A 725 19.76 4.21 -8.35
C VAL A 725 19.75 4.44 -6.86
N SER A 726 20.54 3.63 -6.12
CA SER A 726 20.56 3.74 -4.66
C SER A 726 21.95 3.80 -4.05
N ASP A 727 22.95 4.29 -4.81
CA ASP A 727 24.30 4.50 -4.28
C ASP A 727 24.81 5.86 -4.66
N ALA A 728 25.57 6.52 -3.77
CA ALA A 728 26.20 7.82 -4.06
C ALA A 728 27.26 7.62 -5.12
N GLY A 729 27.37 8.57 -6.06
CA GLY A 729 28.35 8.55 -7.15
C GLY A 729 28.26 7.40 -8.14
N ALA A 730 27.06 6.82 -8.28
CA ALA A 730 26.91 5.67 -9.19
C ALA A 730 26.88 6.13 -10.62
N HIS A 731 27.52 5.39 -11.52
CA HIS A 731 27.49 5.76 -12.95
C HIS A 731 26.81 4.72 -13.81
N GLY A 732 26.38 3.64 -13.16
CA GLY A 732 25.64 2.56 -13.78
C GLY A 732 24.99 1.70 -12.72
N VAL A 733 24.05 0.84 -13.14
CA VAL A 733 23.40 -0.15 -12.28
C VAL A 733 23.36 -1.48 -13.04
N GLN A 734 23.48 -2.61 -12.31
CA GLN A 734 23.33 -3.94 -12.89
C GLN A 734 21.84 -4.26 -12.82
N VAL A 735 21.19 -4.34 -13.96
CA VAL A 735 19.77 -4.63 -14.02
C VAL A 735 19.54 -6.07 -14.45
N TYR A 736 18.86 -6.85 -13.63
CA TYR A 736 18.50 -8.19 -14.08
C TYR A 736 17.13 -8.16 -14.79
N LEU A 737 17.13 -8.53 -16.08
CA LEU A 737 15.96 -8.56 -16.94
C LEU A 737 15.64 -10.03 -17.17
N PRO A 738 14.63 -10.54 -16.44
CA PRO A 738 14.32 -11.96 -16.54
C PRO A 738 13.45 -12.32 -17.73
N GLY A 739 13.20 -13.62 -17.83
CA GLY A 739 12.27 -14.22 -18.77
C GLY A 739 12.88 -14.82 -20.01
N GLN A 740 12.72 -16.13 -20.18
CA GLN A 740 13.15 -16.84 -21.38
C GLN A 740 12.24 -16.31 -22.47
N GLU A 741 12.80 -15.90 -23.62
CA GLU A 741 11.93 -15.36 -24.70
C GLU A 741 11.08 -14.10 -24.28
N GLU A 742 11.50 -13.38 -23.25
CA GLU A 742 10.86 -12.11 -22.87
C GLU A 742 11.71 -11.00 -23.49
N VAL A 743 11.10 -9.84 -23.79
CA VAL A 743 11.84 -8.65 -24.23
C VAL A 743 11.46 -7.53 -23.33
N TRP A 744 12.37 -6.59 -23.18
CA TRP A 744 12.24 -5.44 -22.31
C TRP A 744 12.66 -4.19 -23.07
N TYR A 745 11.91 -3.13 -22.91
CA TYR A 745 12.23 -1.85 -23.54
C TYR A 745 12.62 -0.82 -22.51
N ASP A 746 13.81 -0.23 -22.67
CA ASP A 746 14.27 0.90 -21.87
C ASP A 746 13.27 2.01 -22.20
N ILE A 747 12.48 2.44 -21.23
CA ILE A 747 11.42 3.41 -21.51
C ILE A 747 11.92 4.81 -21.95
N GLN A 748 13.18 5.14 -21.71
CA GLN A 748 13.74 6.41 -22.11
C GLN A 748 14.32 6.37 -23.51
N SER A 749 15.17 5.36 -23.80
CA SER A 749 15.84 5.19 -25.08
C SER A 749 15.07 4.35 -26.10
N TYR A 750 14.06 3.59 -25.65
CA TYR A 750 13.30 2.61 -26.44
C TYR A 750 14.17 1.41 -26.88
N GLN A 751 15.41 1.31 -26.41
CA GLN A 751 16.29 0.20 -26.70
C GLN A 751 15.68 -1.11 -26.18
N LYS A 752 15.63 -2.12 -27.06
CA LYS A 752 15.07 -3.42 -26.75
C LYS A 752 16.13 -4.37 -26.18
N HIS A 753 15.82 -5.12 -25.12
CA HIS A 753 16.75 -6.10 -24.56
C HIS A 753 16.03 -7.44 -24.35
N HIS A 754 16.64 -8.56 -24.77
CA HIS A 754 16.09 -9.91 -24.57
C HIS A 754 16.49 -10.46 -23.21
N GLY A 755 15.56 -11.09 -22.54
CA GLY A 755 15.84 -11.76 -21.28
C GLY A 755 16.25 -13.20 -21.56
N PRO A 756 16.80 -13.91 -20.58
CA PRO A 756 17.21 -13.39 -19.28
C PRO A 756 18.62 -12.80 -19.44
N GLN A 757 18.90 -11.63 -18.87
CA GLN A 757 20.27 -11.08 -18.88
C GLN A 757 20.45 -10.13 -17.76
N THR A 758 21.72 -9.91 -17.37
CA THR A 758 22.11 -8.86 -16.45
C THR A 758 22.75 -7.76 -17.31
N LEU A 759 22.10 -6.62 -17.37
CA LEU A 759 22.52 -5.48 -18.19
C LEU A 759 23.21 -4.42 -17.32
N TYR A 760 24.40 -3.90 -17.73
CA TYR A 760 25.00 -2.79 -17.01
C TYR A 760 24.56 -1.51 -17.67
N LEU A 761 23.66 -0.77 -17.03
CA LEU A 761 23.07 0.39 -17.61
C LEU A 761 23.71 1.65 -17.09
N PRO A 762 24.21 2.51 -18.00
CA PRO A 762 24.77 3.80 -17.56
C PRO A 762 23.70 4.73 -17.00
N VAL A 763 24.05 5.49 -15.95
CA VAL A 763 23.13 6.44 -15.30
C VAL A 763 23.74 7.77 -15.08
N THR A 764 22.88 8.80 -15.09
CA THR A 764 23.17 10.19 -14.77
C THR A 764 22.25 10.51 -13.59
N LEU A 765 22.39 11.72 -13.06
CA LEU A 765 21.62 12.18 -11.93
C LEU A 765 20.12 12.08 -12.19
N SER A 766 19.68 12.29 -13.46
CA SER A 766 18.27 12.27 -13.84
C SER A 766 17.72 10.91 -14.20
N SER A 767 18.57 9.91 -14.30
CA SER A 767 18.15 8.56 -14.68
C SER A 767 17.34 7.84 -13.64
N ILE A 768 16.26 7.21 -14.09
CA ILE A 768 15.45 6.26 -13.33
C ILE A 768 15.36 4.98 -14.18
N PRO A 769 16.22 3.98 -13.91
CA PRO A 769 16.20 2.74 -14.72
C PRO A 769 14.87 2.00 -14.66
N VAL A 770 14.10 2.11 -15.74
CA VAL A 770 12.74 1.56 -15.85
C VAL A 770 12.64 0.93 -17.20
N PHE A 771 12.13 -0.29 -17.21
CA PHE A 771 11.94 -1.10 -18.40
C PHE A 771 10.51 -1.54 -18.54
N GLN A 772 9.94 -1.38 -19.75
CA GLN A 772 8.60 -1.89 -20.03
C GLN A 772 8.67 -3.31 -20.63
N ARG A 773 7.86 -4.21 -20.07
CA ARG A 773 7.88 -5.59 -20.55
C ARG A 773 7.17 -5.73 -21.85
N GLY A 774 7.79 -6.48 -22.76
CA GLY A 774 7.13 -6.91 -23.98
C GLY A 774 5.84 -7.64 -23.66
N GLY A 775 4.80 -7.32 -24.41
CA GLY A 775 3.46 -7.85 -24.21
C GLY A 775 2.55 -7.02 -23.35
N THR A 776 2.94 -5.78 -23.02
CA THR A 776 2.11 -4.93 -22.16
C THR A 776 1.79 -3.63 -22.80
N ILE A 777 0.71 -3.02 -22.32
CA ILE A 777 0.23 -1.71 -22.74
C ILE A 777 0.04 -0.87 -21.48
N VAL A 778 0.75 0.23 -21.42
CA VAL A 778 0.77 1.15 -20.29
C VAL A 778 0.11 2.46 -20.69
N PRO A 779 -0.96 2.84 -19.97
CA PRO A 779 -1.63 4.12 -20.25
C PRO A 779 -0.97 5.29 -19.47
N ARG A 780 -0.86 6.44 -20.10
CA ARG A 780 -0.26 7.62 -19.45
C ARG A 780 -1.07 8.88 -19.78
N TRP A 781 -0.96 9.88 -18.93
CA TRP A 781 -1.43 11.24 -19.20
C TRP A 781 -0.15 12.02 -19.48
N MET A 782 0.14 12.30 -20.74
CA MET A 782 1.38 12.98 -21.14
C MET A 782 1.37 14.49 -20.85
N ARG A 783 0.18 15.06 -20.58
CA ARG A 783 0.04 16.48 -20.27
C ARG A 783 0.14 16.66 -18.76
N VAL A 784 1.35 16.85 -18.25
CA VAL A 784 1.57 16.98 -16.81
C VAL A 784 1.17 18.34 -16.34
N ARG A 785 0.26 18.36 -15.38
CA ARG A 785 -0.24 19.60 -14.83
C ARG A 785 0.15 19.66 -13.34
N ARG A 786 -0.38 20.65 -12.61
CA ARG A 786 0.06 20.93 -11.23
C ARG A 786 -0.42 19.98 -10.17
N SER A 787 -1.49 19.20 -10.44
CA SER A 787 -2.10 18.22 -9.55
C SER A 787 -2.94 17.28 -10.36
N SER A 788 -3.30 16.14 -9.74
CA SER A 788 -4.06 15.10 -10.41
C SER A 788 -5.45 15.55 -10.76
N ASP A 789 -6.09 16.37 -9.91
CA ASP A 789 -7.43 16.87 -10.25
C ASP A 789 -7.45 17.61 -11.60
N CYS A 790 -6.37 18.36 -11.88
CA CYS A 790 -6.20 19.10 -13.12
C CYS A 790 -6.15 18.17 -14.30
N MET A 791 -5.61 16.95 -14.10
CA MET A 791 -5.32 16.01 -15.18
C MET A 791 -6.39 14.95 -15.42
N LYS A 792 -7.28 14.76 -14.47
CA LYS A 792 -8.10 13.57 -14.46
C LYS A 792 -9.15 13.48 -15.58
N ASP A 793 -9.32 14.52 -16.39
CA ASP A 793 -10.22 14.48 -17.55
C ASP A 793 -9.45 14.55 -18.86
N ASP A 794 -8.13 14.47 -18.80
CA ASP A 794 -7.29 14.61 -19.98
C ASP A 794 -7.16 13.37 -20.84
N PRO A 795 -6.75 13.60 -22.11
CA PRO A 795 -6.52 12.46 -23.02
C PRO A 795 -5.33 11.58 -22.63
N ILE A 796 -5.45 10.32 -23.03
CA ILE A 796 -4.52 9.24 -22.76
C ILE A 796 -3.62 8.94 -23.98
N THR A 797 -2.36 8.59 -23.69
CA THR A 797 -1.37 8.04 -24.59
C THR A 797 -1.13 6.58 -24.18
N LEU A 798 -1.24 5.66 -25.13
CA LEU A 798 -1.06 4.24 -24.85
C LEU A 798 0.32 3.83 -25.35
N PHE A 799 1.09 3.20 -24.46
CA PHE A 799 2.44 2.76 -24.74
C PHE A 799 2.41 1.24 -24.89
N VAL A 800 2.48 0.79 -26.13
CA VAL A 800 2.36 -0.62 -26.49
C VAL A 800 3.75 -1.21 -26.70
N ALA A 801 4.15 -2.14 -25.82
CA ALA A 801 5.47 -2.79 -25.94
C ALA A 801 5.23 -4.18 -26.50
N LEU A 802 5.63 -4.39 -27.75
CA LEU A 802 5.35 -5.66 -28.39
C LEU A 802 6.21 -6.79 -27.91
N SER A 803 5.56 -7.92 -27.64
CA SER A 803 6.22 -9.17 -27.31
C SER A 803 6.91 -9.67 -28.61
N PRO A 804 7.81 -10.70 -28.51
CA PRO A 804 8.41 -11.28 -29.72
C PRO A 804 7.38 -11.86 -30.71
N GLN A 805 6.18 -12.19 -30.22
CA GLN A 805 5.06 -12.69 -31.05
C GLN A 805 4.24 -11.53 -31.64
N GLY A 806 4.64 -10.30 -31.36
CA GLY A 806 3.95 -9.11 -31.84
C GLY A 806 2.61 -8.92 -31.18
N THR A 807 2.52 -9.20 -29.89
CA THR A 807 1.30 -9.08 -29.11
C THR A 807 1.54 -8.22 -27.87
N ALA A 808 0.45 -7.70 -27.32
CA ALA A 808 0.44 -6.92 -26.10
C ALA A 808 -0.96 -6.76 -25.57
N GLN A 809 -1.07 -6.60 -24.25
CA GLN A 809 -2.32 -6.29 -23.62
C GLN A 809 -2.15 -5.45 -22.39
N GLY A 810 -3.20 -4.74 -22.04
CA GLY A 810 -3.22 -3.93 -20.83
C GLY A 810 -4.62 -3.46 -20.56
N GLU A 811 -4.90 -3.08 -19.30
CA GLU A 811 -6.20 -2.54 -18.91
C GLU A 811 -6.05 -1.10 -18.49
N LEU A 812 -7.19 -0.44 -18.41
CA LEU A 812 -7.30 0.92 -17.89
C LEU A 812 -8.60 1.05 -17.12
N PHE A 813 -8.49 1.49 -15.87
CA PHE A 813 -9.64 1.81 -15.04
C PHE A 813 -9.76 3.35 -14.92
N LEU A 814 -10.96 3.88 -15.06
CA LEU A 814 -11.28 5.31 -14.94
C LEU A 814 -12.59 5.48 -14.22
N ASP A 815 -12.68 6.49 -13.39
CA ASP A 815 -13.92 6.87 -12.74
C ASP A 815 -13.81 8.35 -12.46
N ASP A 816 -14.65 8.89 -11.55
CA ASP A 816 -14.60 10.32 -11.27
C ASP A 816 -13.35 10.74 -10.43
N GLY A 817 -12.58 9.76 -9.98
CA GLY A 817 -11.35 9.97 -9.21
C GLY A 817 -11.48 10.06 -7.72
N HIS A 818 -12.70 10.00 -7.14
CA HIS A 818 -12.82 10.20 -5.70
C HIS A 818 -14.05 9.66 -4.98
N THR A 819 -15.12 9.21 -5.67
CA THR A 819 -16.33 8.76 -4.96
C THR A 819 -16.52 7.25 -5.06
N PHE A 820 -17.50 6.73 -4.31
CA PHE A 820 -17.87 5.33 -4.41
C PHE A 820 -18.84 5.07 -5.57
N ASN A 821 -19.04 6.07 -6.47
CA ASN A 821 -19.96 5.91 -7.61
C ASN A 821 -19.64 4.70 -8.49
N TYR A 822 -18.36 4.32 -8.57
CA TYR A 822 -17.94 3.13 -9.30
C TYR A 822 -18.66 1.89 -8.75
N GLN A 823 -18.85 1.78 -7.42
CA GLN A 823 -19.48 0.62 -6.85
C GLN A 823 -21.02 0.81 -6.63
N THR A 824 -21.48 1.99 -6.21
CA THR A 824 -22.91 2.19 -5.95
C THR A 824 -23.76 2.43 -7.21
N ARG A 825 -23.13 2.98 -8.28
CA ARG A 825 -23.83 3.34 -9.53
C ARG A 825 -23.22 2.72 -10.78
N HIS A 826 -22.12 1.95 -10.62
CA HIS A 826 -21.39 1.34 -11.72
C HIS A 826 -20.91 2.41 -12.71
N GLU A 827 -20.51 3.56 -12.16
CA GLU A 827 -19.97 4.66 -12.94
C GLU A 827 -18.44 4.61 -12.93
N PHE A 828 -17.93 3.90 -13.93
CA PHE A 828 -16.52 3.71 -14.19
C PHE A 828 -16.37 3.05 -15.55
N LEU A 829 -15.12 2.99 -16.02
CA LEU A 829 -14.72 2.29 -17.21
C LEU A 829 -13.59 1.33 -16.88
N LEU A 830 -13.68 0.12 -17.41
CA LEU A 830 -12.58 -0.82 -17.34
C LEU A 830 -12.38 -1.25 -18.78
N ARG A 831 -11.34 -0.70 -19.39
CA ARG A 831 -11.04 -1.00 -20.78
C ARG A 831 -9.96 -2.03 -20.90
N ARG A 832 -10.05 -2.87 -21.93
CA ARG A 832 -8.97 -3.79 -22.31
C ARG A 832 -8.41 -3.30 -23.66
N PHE A 833 -7.09 -3.11 -23.72
CA PHE A 833 -6.37 -2.79 -24.95
C PHE A 833 -5.59 -4.05 -25.28
N SER A 834 -5.72 -4.52 -26.52
CA SER A 834 -5.02 -5.71 -26.96
C SER A 834 -4.48 -5.49 -28.35
N PHE A 835 -3.28 -5.95 -28.54
CA PHE A 835 -2.63 -5.87 -29.82
C PHE A 835 -2.23 -7.28 -30.25
N SER A 836 -2.54 -7.62 -31.51
CA SER A 836 -2.04 -8.84 -32.14
C SER A 836 -2.18 -8.73 -33.64
N GLY A 837 -1.25 -9.40 -34.34
CA GLY A 837 -1.18 -9.38 -35.78
C GLY A 837 -0.78 -7.98 -36.17
N SER A 838 -1.73 -7.21 -36.72
CA SER A 838 -1.40 -5.84 -37.06
C SER A 838 -2.48 -4.87 -36.56
N THR A 839 -3.20 -5.26 -35.49
CA THR A 839 -4.36 -4.55 -34.96
C THR A 839 -4.31 -4.29 -33.47
N LEU A 840 -4.60 -3.04 -33.09
CA LEU A 840 -4.75 -2.64 -31.70
C LEU A 840 -6.28 -2.47 -31.47
N VAL A 841 -6.83 -3.12 -30.46
CA VAL A 841 -8.26 -3.08 -30.20
C VAL A 841 -8.54 -2.61 -28.78
N SER A 842 -9.56 -1.73 -28.64
CA SER A 842 -10.09 -1.36 -27.31
C SER A 842 -11.44 -2.03 -27.20
N SER A 843 -11.62 -2.80 -26.14
CA SER A 843 -12.90 -3.45 -25.84
C SER A 843 -13.19 -3.26 -24.34
N SER A 844 -14.45 -3.46 -23.94
CA SER A 844 -14.80 -3.37 -22.53
C SER A 844 -14.31 -4.61 -21.76
N ALA A 845 -13.65 -4.43 -20.59
CA ALA A 845 -13.24 -5.55 -19.73
C ALA A 845 -14.25 -5.76 -18.61
N ASP A 846 -15.25 -4.89 -18.53
CA ASP A 846 -16.35 -5.00 -17.59
C ASP A 846 -17.51 -4.18 -18.15
N PRO A 847 -18.42 -4.84 -18.89
CA PRO A 847 -19.53 -4.08 -19.52
C PRO A 847 -20.50 -3.43 -18.53
N LYS A 848 -20.43 -3.76 -17.22
CA LYS A 848 -21.29 -3.14 -16.21
C LYS A 848 -20.93 -1.67 -16.00
N GLY A 849 -19.68 -1.29 -16.27
CA GLY A 849 -19.17 0.06 -16.07
C GLY A 849 -19.43 1.00 -17.21
N HIS A 850 -20.16 2.08 -16.94
CA HIS A 850 -20.43 3.15 -17.91
C HIS A 850 -19.99 4.45 -17.30
N LEU A 851 -19.41 5.34 -18.10
CA LEU A 851 -18.94 6.61 -17.57
C LEU A 851 -19.01 7.72 -18.58
N GLU A 852 -19.61 8.86 -18.18
CA GLU A 852 -19.65 10.04 -19.03
C GLU A 852 -18.34 10.73 -18.81
N THR A 853 -17.49 10.76 -19.83
CA THR A 853 -16.17 11.38 -19.69
C THR A 853 -15.70 12.00 -20.99
N PRO A 854 -14.97 13.12 -20.89
CA PRO A 854 -14.36 13.71 -22.09
C PRO A 854 -13.03 13.04 -22.45
N ILE A 855 -12.55 12.06 -21.66
CA ILE A 855 -11.27 11.38 -21.95
C ILE A 855 -11.25 10.69 -23.32
N TRP A 856 -10.23 11.01 -24.10
CA TRP A 856 -9.99 10.48 -25.44
C TRP A 856 -8.57 9.98 -25.61
N ILE A 857 -8.33 9.20 -26.64
CA ILE A 857 -7.00 8.67 -26.95
C ILE A 857 -6.31 9.66 -27.88
N GLU A 858 -5.27 10.34 -27.39
CA GLU A 858 -4.58 11.31 -28.22
C GLU A 858 -3.41 10.78 -28.97
N ARG A 859 -2.88 9.65 -28.53
CA ARG A 859 -1.65 9.13 -29.11
C ARG A 859 -1.46 7.68 -28.77
N VAL A 860 -0.75 6.96 -29.66
CA VAL A 860 -0.33 5.56 -29.46
C VAL A 860 1.14 5.49 -29.80
N VAL A 861 1.90 4.91 -28.89
CA VAL A 861 3.32 4.72 -29.09
C VAL A 861 3.54 3.21 -29.10
N ILE A 862 3.97 2.64 -30.25
CA ILE A 862 4.22 1.19 -30.37
C ILE A 862 5.73 0.95 -30.48
N MET A 863 6.25 0.23 -29.50
CA MET A 863 7.65 -0.15 -29.41
C MET A 863 7.75 -1.59 -29.97
N GLY A 864 8.67 -1.78 -30.92
CA GLY A 864 8.92 -3.05 -31.59
C GLY A 864 8.14 -3.21 -32.88
N ALA A 865 7.81 -2.08 -33.54
CA ALA A 865 6.99 -2.13 -34.75
C ALA A 865 7.70 -1.65 -36.00
N GLY A 866 7.32 -2.25 -37.13
CA GLY A 866 7.81 -1.87 -38.45
C GLY A 866 7.07 -0.66 -38.94
N LYS A 867 7.53 -0.09 -40.06
CA LYS A 867 6.89 1.10 -40.60
C LYS A 867 5.73 0.64 -41.46
N PRO A 868 4.50 1.06 -41.12
CA PRO A 868 3.37 0.68 -41.97
C PRO A 868 3.30 1.56 -43.21
N ALA A 869 2.39 1.20 -44.11
CA ALA A 869 2.05 1.95 -45.33
C ALA A 869 0.85 2.82 -44.99
N ALA A 870 -0.02 2.35 -44.12
CA ALA A 870 -1.21 3.08 -43.75
C ALA A 870 -1.72 2.62 -42.39
N VAL A 871 -2.41 3.54 -41.72
CA VAL A 871 -3.00 3.35 -40.39
C VAL A 871 -4.45 3.76 -40.43
N VAL A 872 -5.31 2.80 -40.11
CA VAL A 872 -6.74 2.97 -40.19
C VAL A 872 -7.40 2.76 -38.84
N LEU A 873 -8.24 3.71 -38.44
CA LEU A 873 -9.01 3.62 -37.20
C LEU A 873 -10.50 3.39 -37.53
N GLN A 874 -11.10 2.38 -36.89
CA GLN A 874 -12.52 2.07 -36.98
C GLN A 874 -13.21 2.20 -35.62
N THR A 875 -14.37 2.83 -35.60
CA THR A 875 -15.15 2.97 -34.37
C THR A 875 -16.61 3.20 -34.74
N LYS A 876 -17.52 2.53 -34.04
CA LYS A 876 -18.94 2.62 -34.31
C LYS A 876 -19.42 4.06 -34.20
N GLY A 877 -20.13 4.52 -35.23
CA GLY A 877 -20.69 5.87 -35.26
C GLY A 877 -19.88 6.90 -36.02
N SER A 878 -18.65 6.52 -36.44
CA SER A 878 -17.73 7.37 -37.20
C SER A 878 -17.30 6.74 -38.51
N PRO A 879 -16.96 7.54 -39.53
CA PRO A 879 -16.42 6.92 -40.75
C PRO A 879 -15.02 6.43 -40.43
N GLU A 880 -14.51 5.53 -41.26
CA GLU A 880 -13.17 5.03 -41.14
C GLU A 880 -12.20 6.22 -41.23
N SER A 881 -11.19 6.20 -40.36
CA SER A 881 -10.27 7.29 -40.28
C SER A 881 -8.87 6.84 -40.63
N ARG A 882 -8.09 7.74 -41.25
CA ARG A 882 -6.69 7.50 -41.60
C ARG A 882 -5.85 8.38 -40.69
N LEU A 883 -4.91 7.75 -39.99
CA LEU A 883 -4.04 8.47 -39.08
C LEU A 883 -2.68 8.71 -39.66
N SER A 884 -2.09 9.87 -39.38
CA SER A 884 -0.74 10.08 -39.82
C SER A 884 0.14 9.48 -38.72
N PHE A 885 1.38 9.20 -39.04
CA PHE A 885 2.25 8.51 -38.11
C PHE A 885 3.69 8.90 -38.39
N GLN A 886 4.52 8.63 -37.38
CA GLN A 886 5.96 8.84 -37.43
C GLN A 886 6.65 7.54 -36.99
N HIS A 887 7.75 7.19 -37.66
CA HIS A 887 8.47 5.97 -37.35
C HIS A 887 9.97 6.19 -37.29
N ASP A 888 10.60 5.68 -36.22
CA ASP A 888 12.04 5.72 -36.06
C ASP A 888 12.58 4.31 -36.41
N PRO A 889 13.27 4.14 -37.58
CA PRO A 889 13.74 2.78 -37.96
C PRO A 889 14.85 2.17 -37.09
N GLU A 890 15.62 3.04 -36.44
CA GLU A 890 16.68 2.67 -35.53
C GLU A 890 16.10 1.99 -34.27
N THR A 891 15.00 2.53 -33.72
CA THR A 891 14.37 2.01 -32.49
C THR A 891 13.16 1.14 -32.72
N SER A 892 12.60 1.15 -33.93
CA SER A 892 11.34 0.45 -34.24
C SER A 892 10.20 1.04 -33.37
N VAL A 893 10.14 2.36 -33.31
CA VAL A 893 9.09 3.05 -32.56
C VAL A 893 8.19 3.75 -33.54
N LEU A 894 6.89 3.46 -33.44
CA LEU A 894 5.83 3.99 -34.27
C LEU A 894 4.93 4.83 -33.41
N ILE A 895 4.69 6.07 -33.82
CA ILE A 895 3.84 6.99 -33.10
C ILE A 895 2.66 7.27 -33.96
N LEU A 896 1.45 6.95 -33.47
CA LEU A 896 0.22 7.19 -34.19
C LEU A 896 -0.34 8.48 -33.70
N ARG A 897 -0.60 9.40 -34.62
CA ARG A 897 -1.08 10.75 -34.30
C ARG A 897 -2.56 10.82 -34.08
N LYS A 898 -2.94 11.40 -32.95
CA LYS A 898 -4.29 11.81 -32.65
C LYS A 898 -5.40 10.84 -33.10
N PRO A 899 -5.45 9.60 -32.59
CA PRO A 899 -6.62 8.75 -32.89
C PRO A 899 -7.97 9.50 -32.70
N GLY A 900 -8.06 10.32 -31.64
CA GLY A 900 -9.21 11.18 -31.36
C GLY A 900 -10.48 10.49 -30.95
N VAL A 901 -10.36 9.27 -30.53
CA VAL A 901 -11.51 8.46 -30.15
C VAL A 901 -11.75 8.52 -28.63
N SER A 902 -13.02 8.51 -28.22
CA SER A 902 -13.41 8.41 -26.83
C SER A 902 -12.87 7.12 -26.18
N VAL A 903 -12.35 7.24 -24.95
CA VAL A 903 -11.89 6.08 -24.16
C VAL A 903 -13.08 5.14 -23.82
N ALA A 904 -14.32 5.67 -23.87
CA ALA A 904 -15.50 4.89 -23.56
C ALA A 904 -15.97 4.00 -24.72
N SER A 905 -15.44 4.20 -25.93
CA SER A 905 -15.84 3.46 -27.12
C SER A 905 -14.94 2.28 -27.43
N ASP A 906 -15.54 1.26 -28.04
CA ASP A 906 -14.81 0.17 -28.67
C ASP A 906 -14.22 0.74 -29.95
N TRP A 907 -12.97 0.37 -30.27
CA TRP A 907 -12.32 0.82 -31.49
C TRP A 907 -11.20 -0.11 -31.91
N SER A 908 -10.76 0.06 -33.15
CA SER A 908 -9.63 -0.70 -33.62
C SER A 908 -8.77 0.15 -34.51
N ILE A 909 -7.46 -0.09 -34.43
CA ILE A 909 -6.46 0.57 -35.27
C ILE A 909 -5.72 -0.53 -35.99
N HIS A 910 -5.78 -0.51 -37.34
CA HIS A 910 -5.11 -1.50 -38.17
CA HIS A 910 -5.16 -1.50 -38.22
C HIS A 910 -3.90 -0.89 -38.87
N LEU A 911 -2.77 -1.60 -38.79
CA LEU A 911 -1.51 -1.18 -39.43
C LEU A 911 -1.36 -1.98 -40.74
N ARG A 912 -1.46 -1.31 -41.89
CA ARG A 912 -1.37 -1.95 -43.22
C ARG A 912 0.05 -1.92 -43.78
N ALA A 913 0.58 -3.02 -44.35
CA ALA A 913 1.94 -3.00 -44.90
C ALA A 913 1.96 -2.44 -46.34
N PHE B 1 -7.34 28.84 -61.52
CA PHE B 1 -8.66 29.26 -61.05
C PHE B 1 -8.64 29.73 -59.55
N TYR B 2 -8.80 28.83 -58.56
CA TYR B 2 -8.78 29.25 -57.15
C TYR B 2 -7.42 29.00 -56.48
N GLU B 3 -6.79 30.06 -55.98
CA GLU B 3 -5.51 29.97 -55.30
C GLU B 3 -5.68 29.51 -53.84
N GLU B 4 -4.94 28.46 -53.43
CA GLU B 4 -4.97 27.89 -52.07
C GLU B 4 -4.10 28.70 -51.11
N SER B 5 -4.51 28.74 -49.84
CA SER B 5 -3.76 29.35 -48.76
C SER B 5 -2.58 28.42 -48.44
N LYS B 6 -1.46 29.01 -48.00
CA LYS B 6 -0.25 28.27 -47.67
C LYS B 6 -0.37 27.63 -46.30
N PRO B 7 0.33 26.51 -46.07
CA PRO B 7 0.25 25.85 -44.76
C PRO B 7 1.00 26.58 -43.66
N PHE B 8 0.91 26.07 -42.44
CA PHE B 8 1.59 26.65 -41.29
C PHE B 8 2.96 26.06 -41.11
N THR B 9 3.97 26.93 -40.91
CA THR B 9 5.30 26.42 -40.57
C THR B 9 5.54 26.75 -39.13
N CYS B 10 5.96 25.73 -38.36
CA CYS B 10 6.35 25.86 -36.94
C CYS B 10 7.38 26.95 -36.90
N LEU B 11 7.47 27.71 -35.80
CA LEU B 11 8.50 28.74 -35.65
C LEU B 11 9.94 28.13 -35.64
N ASP B 12 10.10 26.84 -35.26
CA ASP B 12 11.41 26.16 -35.26
C ASP B 12 11.74 25.46 -36.59
N GLY B 13 10.88 25.62 -37.59
CA GLY B 13 11.02 25.00 -38.90
C GLY B 13 10.95 23.47 -38.95
N THR B 14 10.69 22.79 -37.82
CA THR B 14 10.65 21.31 -37.77
C THR B 14 9.61 20.64 -38.67
N ALA B 15 8.50 21.34 -38.97
CA ALA B 15 7.44 20.79 -39.82
C ALA B 15 6.55 21.87 -40.46
N THR B 16 5.62 21.38 -41.28
CA THR B 16 4.66 22.20 -41.99
C THR B 16 3.39 21.44 -41.92
N ILE B 17 2.36 22.10 -41.45
CA ILE B 17 1.11 21.40 -41.24
C ILE B 17 -0.04 22.20 -41.78
N PRO B 18 -1.15 21.57 -42.14
CA PRO B 18 -2.33 22.37 -42.50
C PRO B 18 -2.80 23.23 -41.30
N PHE B 19 -3.66 24.20 -41.57
CA PHE B 19 -4.16 25.08 -40.55
C PHE B 19 -5.19 24.40 -39.63
N ASP B 20 -5.78 23.26 -40.06
CA ASP B 20 -6.65 22.50 -39.16
C ASP B 20 -5.81 21.72 -38.09
N GLN B 21 -4.45 21.82 -38.13
CA GLN B 21 -3.54 21.26 -37.13
C GLN B 21 -3.02 22.34 -36.16
N VAL B 22 -3.51 23.59 -36.33
CA VAL B 22 -3.21 24.71 -35.44
C VAL B 22 -4.33 24.76 -34.42
N ASN B 23 -3.98 24.72 -33.13
CA ASN B 23 -4.97 24.72 -32.05
C ASN B 23 -5.99 23.59 -32.23
N ASP B 24 -5.49 22.42 -32.60
CA ASP B 24 -6.32 21.24 -32.80
C ASP B 24 -6.22 20.28 -31.63
N ASP B 25 -5.59 20.74 -30.53
CA ASP B 25 -5.49 19.94 -29.29
C ASP B 25 -4.58 18.70 -29.44
N TYR B 26 -3.60 18.78 -30.33
CA TYR B 26 -2.56 17.79 -30.52
C TYR B 26 -1.29 18.55 -30.86
N CYS B 27 -0.20 18.23 -30.19
CA CYS B 27 1.08 18.86 -30.41
C CYS B 27 1.84 18.35 -31.64
N ASP B 28 1.99 19.24 -32.64
CA ASP B 28 2.65 18.90 -33.89
C ASP B 28 4.01 19.52 -34.06
N CYS B 29 4.30 20.58 -33.33
CA CYS B 29 5.59 21.28 -33.40
C CYS B 29 6.42 20.99 -32.18
N LYS B 30 7.72 20.74 -32.38
CA LYS B 30 8.64 20.52 -31.28
C LYS B 30 8.76 21.72 -30.35
N ASP B 31 8.55 22.96 -30.87
CA ASP B 31 8.56 24.21 -30.08
C ASP B 31 7.19 24.57 -29.45
N GLY B 32 6.17 23.80 -29.77
CA GLY B 32 4.81 24.03 -29.28
C GLY B 32 4.04 25.15 -29.96
N SER B 33 4.56 25.69 -31.08
CA SER B 33 3.97 26.86 -31.73
C SER B 33 2.68 26.58 -32.47
N ASP B 34 2.30 25.32 -32.66
CA ASP B 34 1.02 25.06 -33.31
C ASP B 34 -0.12 25.10 -32.30
N GLU B 35 0.18 25.10 -31.00
CA GLU B 35 -0.85 25.06 -29.97
C GLU B 35 -0.79 26.22 -28.94
N PRO B 36 -0.77 27.50 -29.41
CA PRO B 36 -0.75 28.62 -28.46
C PRO B 36 -2.02 28.75 -27.62
N GLY B 37 -3.12 28.19 -28.10
CA GLY B 37 -4.42 28.29 -27.43
C GLY B 37 -4.88 27.08 -26.65
N THR B 38 -4.08 26.02 -26.62
CA THR B 38 -4.46 24.80 -25.93
C THR B 38 -3.42 24.31 -24.93
N ALA B 39 -3.73 23.17 -24.28
CA ALA B 39 -2.84 22.51 -23.33
C ALA B 39 -2.08 21.33 -23.95
N ALA B 40 -2.07 21.24 -25.29
CA ALA B 40 -1.54 20.06 -25.96
C ALA B 40 -0.03 19.92 -26.01
N CYS B 41 0.73 21.01 -25.96
CA CYS B 41 2.20 20.95 -26.03
C CYS B 41 2.85 21.06 -24.66
N PRO B 42 3.88 20.22 -24.39
CA PRO B 42 4.53 20.26 -23.07
C PRO B 42 5.43 21.46 -22.83
N ASN B 43 5.76 22.20 -23.89
CA ASN B 43 6.65 23.35 -23.80
C ASN B 43 6.01 24.60 -24.40
N GLY B 44 4.70 24.57 -24.54
CA GLY B 44 4.00 25.70 -25.12
C GLY B 44 3.75 26.80 -24.10
N SER B 45 3.26 27.94 -24.61
CA SER B 45 2.88 29.02 -23.74
C SER B 45 1.56 29.63 -24.24
N PHE B 46 0.78 30.10 -23.28
CA PHE B 46 -0.51 30.72 -23.55
C PHE B 46 -0.40 32.16 -23.13
N HIS B 47 -0.87 33.04 -24.00
CA HIS B 47 -0.80 34.47 -23.77
C HIS B 47 -2.09 34.99 -23.13
N CYS B 48 -1.97 35.55 -21.91
CA CYS B 48 -3.05 36.23 -21.18
C CYS B 48 -3.06 37.64 -21.76
N THR B 49 -4.05 37.95 -22.56
CA THR B 49 -4.10 39.25 -23.20
C THR B 49 -4.28 40.37 -22.18
N ASN B 50 -5.08 40.11 -21.13
CA ASN B 50 -5.35 41.03 -20.02
C ASN B 50 -5.59 42.43 -20.51
N THR B 51 -6.57 42.55 -21.42
CA THR B 51 -7.02 43.79 -22.05
C THR B 51 -7.10 44.90 -21.02
N GLY B 52 -6.32 45.95 -21.24
CA GLY B 52 -6.25 47.12 -20.37
C GLY B 52 -5.14 47.11 -19.35
N TYR B 53 -4.48 45.93 -19.14
CA TYR B 53 -3.46 45.74 -18.11
C TYR B 53 -2.26 44.99 -18.68
N LYS B 54 -1.27 44.68 -17.84
CA LYS B 54 -0.06 44.04 -18.38
C LYS B 54 -0.35 42.61 -18.84
N PRO B 55 0.02 42.26 -20.09
CA PRO B 55 -0.16 40.88 -20.56
C PRO B 55 0.87 39.93 -19.88
N LEU B 56 0.50 38.66 -19.72
CA LEU B 56 1.34 37.64 -19.04
C LEU B 56 1.31 36.38 -19.93
N TYR B 57 2.36 35.58 -19.87
CA TYR B 57 2.38 34.30 -20.54
C TYR B 57 2.38 33.25 -19.45
N ILE B 58 1.66 32.18 -19.67
CA ILE B 58 1.64 31.07 -18.72
C ILE B 58 2.01 29.76 -19.45
N LEU B 59 2.32 28.73 -18.68
CA LEU B 59 2.55 27.39 -19.24
C LEU B 59 1.27 26.89 -19.95
N SER B 60 1.42 26.23 -21.11
CA SER B 60 0.30 25.57 -21.79
C SER B 60 -0.46 24.59 -20.89
N SER B 61 0.26 23.88 -20.00
CA SER B 61 -0.32 22.93 -19.02
C SER B 61 -1.31 23.59 -18.08
N ARG B 62 -1.35 24.92 -18.06
CA ARG B 62 -2.30 25.68 -17.25
C ARG B 62 -3.53 26.20 -18.02
N VAL B 63 -3.71 25.76 -19.26
CA VAL B 63 -4.87 26.11 -20.09
C VAL B 63 -5.91 25.07 -19.79
N ASN B 64 -7.07 25.52 -19.34
CA ASN B 64 -8.19 24.64 -19.00
C ASN B 64 -7.81 23.58 -17.95
N ASP B 65 -7.01 23.98 -16.95
CA ASP B 65 -6.65 23.08 -15.86
C ASP B 65 -7.61 23.23 -14.68
N GLY B 66 -8.58 24.13 -14.80
CA GLY B 66 -9.55 24.42 -13.76
C GLY B 66 -9.07 25.44 -12.73
N VAL B 67 -7.88 26.01 -12.92
CA VAL B 67 -7.29 27.02 -12.01
C VAL B 67 -7.24 28.34 -12.79
N CYS B 68 -7.53 29.46 -12.12
CA CYS B 68 -7.50 30.76 -12.79
C CYS B 68 -6.11 31.31 -12.80
N ASP B 69 -5.42 31.27 -13.96
CA ASP B 69 -4.04 31.76 -14.06
C ASP B 69 -3.93 33.20 -14.58
N CYS B 70 -4.74 33.54 -15.56
CA CYS B 70 -4.71 34.87 -16.15
C CYS B 70 -5.65 35.71 -15.34
N CYS B 71 -5.25 36.97 -15.06
CA CYS B 71 -6.16 37.85 -14.35
C CYS B 71 -7.48 38.04 -15.17
N ASP B 72 -7.42 37.98 -16.54
CA ASP B 72 -8.64 38.11 -17.36
C ASP B 72 -9.48 36.82 -17.46
N GLY B 73 -8.95 35.71 -16.91
CA GLY B 73 -9.58 34.38 -16.90
C GLY B 73 -9.65 33.65 -18.21
N THR B 74 -8.98 34.15 -19.29
CA THR B 74 -9.06 33.58 -20.63
C THR B 74 -8.43 32.19 -20.75
N ASP B 75 -7.62 31.78 -19.77
CA ASP B 75 -7.00 30.44 -19.79
C ASP B 75 -8.00 29.35 -19.50
N GLU B 76 -9.16 29.71 -18.90
CA GLU B 76 -10.23 28.78 -18.54
C GLU B 76 -11.44 29.05 -19.41
N TYR B 77 -11.47 28.43 -20.59
CA TYR B 77 -12.56 28.69 -21.51
C TYR B 77 -13.47 27.50 -21.73
N ASN B 78 -12.99 26.30 -21.35
CA ASN B 78 -13.77 25.09 -21.53
C ASN B 78 -13.35 24.06 -20.47
N SER B 79 -13.47 24.45 -19.20
CA SER B 79 -13.07 23.60 -18.11
C SER B 79 -14.09 23.42 -17.01
N GLY B 80 -15.15 24.20 -17.00
CA GLY B 80 -16.02 24.10 -15.84
C GLY B 80 -15.69 25.03 -14.68
N THR B 81 -14.46 25.64 -14.64
CA THR B 81 -14.18 26.71 -13.70
C THR B 81 -14.48 27.96 -14.55
N VAL B 82 -15.24 28.90 -13.99
CA VAL B 82 -15.58 30.18 -14.62
C VAL B 82 -14.76 31.19 -13.89
N CYS B 83 -13.79 31.78 -14.57
CA CYS B 83 -12.90 32.72 -13.94
C CYS B 83 -13.38 34.15 -14.04
N GLU B 84 -13.27 34.89 -12.96
CA GLU B 84 -13.67 36.29 -12.97
C GLU B 84 -12.46 37.13 -13.36
N ASN B 85 -12.72 38.30 -13.94
CA ASN B 85 -11.65 39.24 -14.27
C ASN B 85 -11.16 39.91 -12.99
N THR B 86 -9.91 39.67 -12.63
CA THR B 86 -9.35 40.21 -11.41
C THR B 86 -8.19 41.11 -11.77
N CYS B 87 -8.16 41.63 -12.99
CA CYS B 87 -7.02 42.41 -13.44
C CYS B 87 -6.76 43.71 -12.67
N ARG B 88 -7.81 44.37 -12.10
CA ARG B 88 -7.58 45.57 -11.28
C ARG B 88 -6.97 45.29 -9.89
#